data_1YG4
# 
_entry.id   1YG4 
# 
_audit_conform.dict_name       mmcif_pdbx.dic 
_audit_conform.dict_version    5.392 
_audit_conform.dict_location   http://mmcif.pdb.org/dictionaries/ascii/mmcif_pdbx.dic 
# 
loop_
_database_2.database_id 
_database_2.database_code 
_database_2.pdbx_database_accession 
_database_2.pdbx_DOI 
PDB   1YG4         pdb_00001yg4 10.2210/pdb1yg4/pdb 
RCSB  RCSB031474   ?            ?                   
WWPDB D_1000031474 ?            ?                   
# 
loop_
_pdbx_audit_revision_history.ordinal 
_pdbx_audit_revision_history.data_content_type 
_pdbx_audit_revision_history.major_revision 
_pdbx_audit_revision_history.minor_revision 
_pdbx_audit_revision_history.revision_date 
1 'Structure model' 1 0 2005-12-13 
2 'Structure model' 1 1 2008-04-30 
3 'Structure model' 1 2 2011-07-13 
4 'Structure model' 1 3 2022-03-02 
5 'Structure model' 1 4 2024-05-22 
# 
_pdbx_audit_revision_details.ordinal             1 
_pdbx_audit_revision_details.revision_ordinal    1 
_pdbx_audit_revision_details.data_content_type   'Structure model' 
_pdbx_audit_revision_details.provider            repository 
_pdbx_audit_revision_details.type                'Initial release' 
_pdbx_audit_revision_details.description         ? 
_pdbx_audit_revision_details.details             ? 
# 
loop_
_pdbx_audit_revision_group.ordinal 
_pdbx_audit_revision_group.revision_ordinal 
_pdbx_audit_revision_group.data_content_type 
_pdbx_audit_revision_group.group 
1 2 'Structure model' 'Version format compliance' 
2 3 'Structure model' 'Version format compliance' 
3 4 'Structure model' 'Data collection'           
4 4 'Structure model' 'Database references'       
5 4 'Structure model' 'Derived calculations'      
6 5 'Structure model' 'Data collection'           
# 
loop_
_pdbx_audit_revision_category.ordinal 
_pdbx_audit_revision_category.revision_ordinal 
_pdbx_audit_revision_category.data_content_type 
_pdbx_audit_revision_category.category 
1 4 'Structure model' database_2            
2 4 'Structure model' pdbx_nmr_spectrometer 
3 4 'Structure model' pdbx_struct_assembly  
4 4 'Structure model' pdbx_struct_oper_list 
5 4 'Structure model' struct_conn           
6 5 'Structure model' chem_comp_atom        
7 5 'Structure model' chem_comp_bond        
# 
loop_
_pdbx_audit_revision_item.ordinal 
_pdbx_audit_revision_item.revision_ordinal 
_pdbx_audit_revision_item.data_content_type 
_pdbx_audit_revision_item.item 
1 4 'Structure model' '_database_2.pdbx_DOI'                
2 4 'Structure model' '_database_2.pdbx_database_accession' 
3 4 'Structure model' '_pdbx_nmr_spectrometer.model'        
4 4 'Structure model' '_struct_conn.pdbx_leaving_atom_flag' 
# 
_pdbx_database_status.entry_id                        1YG4 
_pdbx_database_status.status_code                     REL 
_pdbx_database_status.SG_entry                        N 
_pdbx_database_status.status_code_mr                  REL 
_pdbx_database_status.recvd_initial_deposition_date   2005-01-04 
_pdbx_database_status.deposit_site                    RCSB 
_pdbx_database_status.process_site                    RCSB 
_pdbx_database_status.status_code_sf                  ? 
_pdbx_database_status.pdb_format_compatible           Y 
_pdbx_database_status.status_code_cs                  ? 
_pdbx_database_status.status_code_nmr_data            ? 
_pdbx_database_status.methods_development_category    ? 
# 
_pdbx_database_related.db_name        PDB 
_pdbx_database_related.db_id          1YG3 
_pdbx_database_related.details        'The same sequence, 20 lowest energy structures' 
_pdbx_database_related.content_type   unspecified 
# 
loop_
_audit_author.name 
_audit_author.pdbx_ordinal 
'Cornish, P.V.' 1 
'Hennig, M.'    2 
'Giedroc, D.P.' 3 
# 
_citation.id                        primary 
_citation.title                     
'A loop 2 cytidine-stem 1 minor groove interaction as a positive determinant for pseudoknot-stimulated -1 ribosomal frameshifting' 
_citation.journal_abbrev            Proc.Natl.Acad.Sci.USA 
_citation.journal_volume            102 
_citation.page_first                12694 
_citation.page_last                 12699 
_citation.year                      2005 
_citation.journal_id_ASTM           PNASA6 
_citation.country                   US 
_citation.journal_id_ISSN           0027-8424 
_citation.journal_id_CSD            0040 
_citation.book_publisher            ? 
_citation.pdbx_database_id_PubMed   16123125 
_citation.pdbx_database_id_DOI      10.1073/pnas.0506166102 
# 
loop_
_citation_author.citation_id 
_citation_author.name 
_citation_author.ordinal 
_citation_author.identifier_ORCID 
primary 'Cornish, P.V.' 1 ? 
primary 'Hennig, M.'    2 ? 
primary 'Giedroc, D.P.' 3 ? 
# 
_entity.id                         1 
_entity.type                       polymer 
_entity.src_method                 syn 
_entity.pdbx_description           'ScYLV RNA pseudoknot' 
_entity.formula_weight             9000.477 
_entity.pdbx_number_of_molecules   1 
_entity.pdbx_ec                    ? 
_entity.pdbx_mutation              ? 
_entity.pdbx_fragment              ? 
_entity.details                    ? 
# 
_entity_poly.entity_id                      1 
_entity_poly.type                           polyribonucleotide 
_entity_poly.nstd_linkage                   no 
_entity_poly.nstd_monomer                   yes 
_entity_poly.pdbx_seq_one_letter_code       'AGUGG(CH)GCCGACCACUUAAAAACACCGG' 
_entity_poly.pdbx_seq_one_letter_code_can   AGUGGCGCCGACCACUUAAAAACACCGG 
_entity_poly.pdbx_strand_id                 A 
_entity_poly.pdbx_target_identifier         ? 
# 
loop_
_entity_poly_seq.entity_id 
_entity_poly_seq.num 
_entity_poly_seq.mon_id 
_entity_poly_seq.hetero 
1 1  A  n 
1 2  G  n 
1 3  U  n 
1 4  G  n 
1 5  G  n 
1 6  CH n 
1 7  G  n 
1 8  C  n 
1 9  C  n 
1 10 G  n 
1 11 A  n 
1 12 C  n 
1 13 C  n 
1 14 A  n 
1 15 C  n 
1 16 U  n 
1 17 U  n 
1 18 A  n 
1 19 A  n 
1 20 A  n 
1 21 A  n 
1 22 A  n 
1 23 C  n 
1 24 A  n 
1 25 C  n 
1 26 C  n 
1 27 G  n 
1 28 G  n 
# 
_pdbx_entity_src_syn.entity_id              1 
_pdbx_entity_src_syn.pdbx_src_id            1 
_pdbx_entity_src_syn.pdbx_alt_source_flag   sample 
_pdbx_entity_src_syn.pdbx_beg_seq_num       ? 
_pdbx_entity_src_syn.pdbx_end_seq_num       ? 
_pdbx_entity_src_syn.organism_scientific    ? 
_pdbx_entity_src_syn.organism_common_name   ? 
_pdbx_entity_src_syn.ncbi_taxonomy_id       ? 
_pdbx_entity_src_syn.details                'In vitro transcription' 
# 
loop_
_chem_comp.id 
_chem_comp.type 
_chem_comp.mon_nstd_flag 
_chem_comp.name 
_chem_comp.pdbx_synonyms 
_chem_comp.formula 
_chem_comp.formula_weight 
A  'RNA linking' y "ADENOSINE-5'-MONOPHOSPHATE"              ? 'C10 H14 N5 O7 P'  347.221 
C  'RNA linking' y "CYTIDINE-5'-MONOPHOSPHATE"               ? 'C9 H14 N3 O8 P'   323.197 
CH 'RNA linking' n 
;N3-PROTONATED CYTIDINE-5'-MONOPHOSPHATE
;
? 'C9 H15 N3 O8 P 1' 324.204 
G  'RNA linking' y "GUANOSINE-5'-MONOPHOSPHATE"              ? 'C10 H14 N5 O8 P'  363.221 
U  'RNA linking' y "URIDINE-5'-MONOPHOSPHATE"                ? 'C9 H13 N2 O9 P'   324.181 
# 
loop_
_pdbx_poly_seq_scheme.asym_id 
_pdbx_poly_seq_scheme.entity_id 
_pdbx_poly_seq_scheme.seq_id 
_pdbx_poly_seq_scheme.mon_id 
_pdbx_poly_seq_scheme.ndb_seq_num 
_pdbx_poly_seq_scheme.pdb_seq_num 
_pdbx_poly_seq_scheme.auth_seq_num 
_pdbx_poly_seq_scheme.pdb_mon_id 
_pdbx_poly_seq_scheme.auth_mon_id 
_pdbx_poly_seq_scheme.pdb_strand_id 
_pdbx_poly_seq_scheme.pdb_ins_code 
_pdbx_poly_seq_scheme.hetero 
A 1 1  A  1  3  3  A  A  A . n 
A 1 2  G  2  4  4  G  G  A . n 
A 1 3  U  3  5  5  U  U  A . n 
A 1 4  G  4  6  6  G  G  A . n 
A 1 5  G  5  7  7  G  G  A . n 
A 1 6  CH 6  8  8  CH CH A . n 
A 1 7  G  7  9  9  G  G  A . n 
A 1 8  C  8  10 10 C  C  A . n 
A 1 9  C  9  11 11 C  C  A . n 
A 1 10 G  10 12 12 G  G  A . n 
A 1 11 A  11 13 13 A  A  A . n 
A 1 12 C  12 14 14 C  C  A . n 
A 1 13 C  13 15 15 C  C  A . n 
A 1 14 A  14 16 16 A  A  A . n 
A 1 15 C  15 17 17 C  C  A . n 
A 1 16 U  16 18 18 U  U  A . n 
A 1 17 U  17 19 19 U  U  A . n 
A 1 18 A  18 20 20 A  A  A . n 
A 1 19 A  19 21 21 A  A  A . n 
A 1 20 A  20 22 22 A  A  A . n 
A 1 21 A  21 23 23 A  A  A . n 
A 1 22 A  22 24 24 A  A  A . n 
A 1 23 C  23 25 25 C  C  A . n 
A 1 24 A  24 26 26 A  A  A . n 
A 1 25 C  25 27 27 C  C  A . n 
A 1 26 C  26 28 28 C  C  A . n 
A 1 27 G  27 29 29 G  G  A . n 
A 1 28 G  28 30 30 G  G  A . n 
# 
_exptl.entry_id          1YG4 
_exptl.method            'SOLUTION NMR' 
_exptl.crystals_number   ? 
# 
_struct.entry_id                  1YG4 
_struct.title                     'Solution Structure of the ScYLV P1-P2 Frameshifting Pseudoknot, Regularized Average Structure' 
_struct.pdbx_model_details        ? 
_struct.pdbx_CASP_flag            ? 
_struct.pdbx_model_type_details   'minimized average' 
# 
_struct_keywords.entry_id        1YG4 
_struct_keywords.pdbx_keywords   RNA 
_struct_keywords.text            'RNA pseudoknot; ribosomal frameshifting; protonated cytidine, RNA' 
# 
_struct_asym.id                            A 
_struct_asym.pdbx_blank_PDB_chainid_flag   N 
_struct_asym.pdbx_modified                 N 
_struct_asym.entity_id                     1 
_struct_asym.details                       ? 
# 
_struct_ref.id                         1 
_struct_ref.entity_id                  1 
_struct_ref.db_name                    PDB 
_struct_ref.db_code                    1YG4 
_struct_ref.pdbx_db_accession          1YG4 
_struct_ref.pdbx_db_isoform            ? 
_struct_ref.pdbx_seq_one_letter_code   ? 
_struct_ref.pdbx_align_begin           ? 
# 
_struct_ref_seq.align_id                      1 
_struct_ref_seq.ref_id                        1 
_struct_ref_seq.pdbx_PDB_id_code              1YG4 
_struct_ref_seq.pdbx_strand_id                A 
_struct_ref_seq.seq_align_beg                 1 
_struct_ref_seq.pdbx_seq_align_beg_ins_code   ? 
_struct_ref_seq.seq_align_end                 28 
_struct_ref_seq.pdbx_seq_align_end_ins_code   ? 
_struct_ref_seq.pdbx_db_accession             1YG4 
_struct_ref_seq.db_align_beg                  3 
_struct_ref_seq.pdbx_db_align_beg_ins_code    ? 
_struct_ref_seq.db_align_end                  30 
_struct_ref_seq.pdbx_db_align_end_ins_code    ? 
_struct_ref_seq.pdbx_auth_seq_align_beg       3 
_struct_ref_seq.pdbx_auth_seq_align_end       30 
# 
_pdbx_struct_assembly.id                   1 
_pdbx_struct_assembly.details              author_defined_assembly 
_pdbx_struct_assembly.method_details       ? 
_pdbx_struct_assembly.oligomeric_details   monomeric 
_pdbx_struct_assembly.oligomeric_count     1 
# 
_pdbx_struct_assembly_gen.assembly_id       1 
_pdbx_struct_assembly_gen.oper_expression   1 
_pdbx_struct_assembly_gen.asym_id_list      A 
# 
_pdbx_struct_oper_list.id                   1 
_pdbx_struct_oper_list.type                 'identity operation' 
_pdbx_struct_oper_list.name                 1_555 
_pdbx_struct_oper_list.symmetry_operation   x,y,z 
_pdbx_struct_oper_list.matrix[1][1]         1.0000000000 
_pdbx_struct_oper_list.matrix[1][2]         0.0000000000 
_pdbx_struct_oper_list.matrix[1][3]         0.0000000000 
_pdbx_struct_oper_list.vector[1]            0.0000000000 
_pdbx_struct_oper_list.matrix[2][1]         0.0000000000 
_pdbx_struct_oper_list.matrix[2][2]         1.0000000000 
_pdbx_struct_oper_list.matrix[2][3]         0.0000000000 
_pdbx_struct_oper_list.vector[2]            0.0000000000 
_pdbx_struct_oper_list.matrix[3][1]         0.0000000000 
_pdbx_struct_oper_list.matrix[3][2]         0.0000000000 
_pdbx_struct_oper_list.matrix[3][3]         1.0000000000 
_pdbx_struct_oper_list.vector[3]            0.0000000000 
# 
_struct_biol.id   1 
# 
loop_
_struct_conn.id 
_struct_conn.conn_type_id 
_struct_conn.pdbx_leaving_atom_flag 
_struct_conn.pdbx_PDB_id 
_struct_conn.ptnr1_label_asym_id 
_struct_conn.ptnr1_label_comp_id 
_struct_conn.ptnr1_label_seq_id 
_struct_conn.ptnr1_label_atom_id 
_struct_conn.pdbx_ptnr1_label_alt_id 
_struct_conn.pdbx_ptnr1_PDB_ins_code 
_struct_conn.pdbx_ptnr1_standard_comp_id 
_struct_conn.ptnr1_symmetry 
_struct_conn.ptnr2_label_asym_id 
_struct_conn.ptnr2_label_comp_id 
_struct_conn.ptnr2_label_seq_id 
_struct_conn.ptnr2_label_atom_id 
_struct_conn.pdbx_ptnr2_label_alt_id 
_struct_conn.pdbx_ptnr2_PDB_ins_code 
_struct_conn.ptnr1_auth_asym_id 
_struct_conn.ptnr1_auth_comp_id 
_struct_conn.ptnr1_auth_seq_id 
_struct_conn.ptnr2_auth_asym_id 
_struct_conn.ptnr2_auth_comp_id 
_struct_conn.ptnr2_auth_seq_id 
_struct_conn.ptnr2_symmetry 
_struct_conn.pdbx_ptnr3_label_atom_id 
_struct_conn.pdbx_ptnr3_label_seq_id 
_struct_conn.pdbx_ptnr3_label_comp_id 
_struct_conn.pdbx_ptnr3_label_asym_id 
_struct_conn.pdbx_ptnr3_label_alt_id 
_struct_conn.pdbx_ptnr3_PDB_ins_code 
_struct_conn.details 
_struct_conn.pdbx_dist_value 
_struct_conn.pdbx_value_order 
_struct_conn.pdbx_role 
covale1  covale both ? A G  5  "O3'" ? ? ? 1_555 A CH 6  P  ? ? A G  7  A CH 8  1_555 ? ? ? ? ? ? ?              1.568 ? ? 
covale2  covale both ? A CH 6  "O3'" ? ? ? 1_555 A G  7  P  ? ? A CH 8  A G  9  1_555 ? ? ? ? ? ? ?              1.617 ? ? 
hydrog1  hydrog ?    ? A A  1  N1    ? ? ? 1_555 A U  16 N3 ? ? A A  3  A U  18 1_555 ? ? ? ? ? ? WATSON-CRICK   ?     ? ? 
hydrog2  hydrog ?    ? A A  1  N6    ? ? ? 1_555 A U  16 O4 ? ? A A  3  A U  18 1_555 ? ? ? ? ? ? WATSON-CRICK   ?     ? ? 
hydrog3  hydrog ?    ? A G  2  N1    ? ? ? 1_555 A C  15 N3 ? ? A G  4  A C  17 1_555 ? ? ? ? ? ? WATSON-CRICK   ?     ? ? 
hydrog4  hydrog ?    ? A G  2  N2    ? ? ? 1_555 A C  15 O2 ? ? A G  4  A C  17 1_555 ? ? ? ? ? ? WATSON-CRICK   ?     ? ? 
hydrog5  hydrog ?    ? A G  2  O6    ? ? ? 1_555 A C  15 N4 ? ? A G  4  A C  17 1_555 ? ? ? ? ? ? WATSON-CRICK   ?     ? ? 
hydrog6  hydrog ?    ? A G  2  N2    ? ? ? 1_555 A A  18 N1 ? ? A G  4  A A  20 1_555 ? ? ? ? ? ? TYPE_10_PAIR   ?     ? ? 
hydrog7  hydrog ?    ? A G  2  N3    ? ? ? 1_555 A A  18 N6 ? ? A G  4  A A  20 1_555 ? ? ? ? ? ? TYPE_10_PAIR   ?     ? ? 
hydrog8  hydrog ?    ? A U  3  N3    ? ? ? 1_555 A A  14 N1 ? ? A U  5  A A  16 1_555 ? ? ? ? ? ? WATSON-CRICK   ?     ? ? 
hydrog9  hydrog ?    ? A U  3  O4    ? ? ? 1_555 A A  14 N6 ? ? A U  5  A A  16 1_555 ? ? ? ? ? ? WATSON-CRICK   ?     ? ? 
hydrog10 hydrog ?    ? A G  4  N1    ? ? ? 1_555 A C  13 N3 ? ? A G  6  A C  15 1_555 ? ? ? ? ? ? WATSON-CRICK   ?     ? ? 
hydrog11 hydrog ?    ? A G  4  N2    ? ? ? 1_555 A C  13 O2 ? ? A G  6  A C  15 1_555 ? ? ? ? ? ? WATSON-CRICK   ?     ? ? 
hydrog12 hydrog ?    ? A G  4  O6    ? ? ? 1_555 A C  13 N4 ? ? A G  6  A C  15 1_555 ? ? ? ? ? ? WATSON-CRICK   ?     ? ? 
hydrog13 hydrog ?    ? A G  4  N2    ? ? ? 1_555 A A  21 N1 ? ? A G  6  A A  23 1_555 ? ? ? ? ? ? TYPE_10_PAIR   ?     ? ? 
hydrog14 hydrog ?    ? A G  4  N3    ? ? ? 1_555 A A  21 N6 ? ? A G  6  A A  23 1_555 ? ? ? ? ? ? TYPE_10_PAIR   ?     ? ? 
hydrog15 hydrog ?    ? A G  5  N1    ? ? ? 1_555 A C  12 N3 ? ? A G  7  A C  14 1_555 ? ? ? ? ? ? WATSON-CRICK   ?     ? ? 
hydrog16 hydrog ?    ? A G  5  N2    ? ? ? 1_555 A C  12 O2 ? ? A G  7  A C  14 1_555 ? ? ? ? ? ? WATSON-CRICK   ?     ? ? 
hydrog17 hydrog ?    ? A G  5  O6    ? ? ? 1_555 A C  12 N4 ? ? A G  7  A C  14 1_555 ? ? ? ? ? ? WATSON-CRICK   ?     ? ? 
hydrog18 hydrog ?    ? A CH 6  N4    ? ? ? 1_555 A G  10 O6 ? ? A CH 8  A G  12 1_555 ? ? ? ? ? ? 'CH-G PAIR'    ?     ? ? 
hydrog19 hydrog ?    ? A CH 6  O2    ? ? ? 1_555 A C  26 N4 ? ? A CH 8  A C  28 1_555 ? ? ? ? ? ? 'CH-C MISPAIR' ?     ? ? 
hydrog20 hydrog ?    ? A C  8  N3    ? ? ? 1_555 A G  28 N1 ? ? A C  10 A G  30 1_555 ? ? ? ? ? ? WATSON-CRICK   ?     ? ? 
hydrog21 hydrog ?    ? A C  8  N4    ? ? ? 1_555 A G  28 O6 ? ? A C  10 A G  30 1_555 ? ? ? ? ? ? WATSON-CRICK   ?     ? ? 
hydrog22 hydrog ?    ? A C  8  O2    ? ? ? 1_555 A G  28 N2 ? ? A C  10 A G  30 1_555 ? ? ? ? ? ? WATSON-CRICK   ?     ? ? 
hydrog23 hydrog ?    ? A C  9  N3    ? ? ? 1_555 A G  27 N1 ? ? A C  11 A G  29 1_555 ? ? ? ? ? ? WATSON-CRICK   ?     ? ? 
hydrog24 hydrog ?    ? A C  9  N4    ? ? ? 1_555 A G  27 O6 ? ? A C  11 A G  29 1_555 ? ? ? ? ? ? WATSON-CRICK   ?     ? ? 
hydrog25 hydrog ?    ? A C  9  O2    ? ? ? 1_555 A G  27 N2 ? ? A C  11 A G  29 1_555 ? ? ? ? ? ? WATSON-CRICK   ?     ? ? 
hydrog26 hydrog ?    ? A G  10 N1    ? ? ? 1_555 A C  26 N3 ? ? A G  12 A C  28 1_555 ? ? ? ? ? ? WATSON-CRICK   ?     ? ? 
hydrog27 hydrog ?    ? A G  10 N2    ? ? ? 1_555 A C  26 O2 ? ? A G  12 A C  28 1_555 ? ? ? ? ? ? WATSON-CRICK   ?     ? ? 
hydrog28 hydrog ?    ? A G  10 O6    ? ? ? 1_555 A C  26 N4 ? ? A G  12 A C  28 1_555 ? ? ? ? ? ? WATSON-CRICK   ?     ? ? 
hydrog29 hydrog ?    ? A C  13 O2    ? ? ? 1_555 A A  22 N6 ? ? A C  15 A A  24 1_555 ? ? ? ? ? ? 'C-A MISPAIR'  ?     ? ? 
hydrog30 hydrog ?    ? A C  13 O2    ? ? ? 1_555 A A  24 N6 ? ? A C  15 A A  26 1_555 ? ? ? ? ? ? 'C-A MISPAIR'  ?     ? ? 
hydrog31 hydrog ?    ? A A  14 N3    ? ? ? 1_555 A A  20 N6 ? ? A A  16 A A  22 1_555 ? ? ? ? ? ? 'A-A MISPAIR'  ?     ? ? 
hydrog32 hydrog ?    ? A A  14 N3    ? ? ? 1_555 A A  21 N6 ? ? A A  16 A A  23 1_555 ? ? ? ? ? ? 'A-A MISPAIR'  ?     ? ? 
# 
loop_
_struct_conn_type.id 
_struct_conn_type.criteria 
_struct_conn_type.reference 
covale ? ? 
hydrog ? ? 
# 
loop_
_pdbx_validate_close_contact.id 
_pdbx_validate_close_contact.PDB_model_num 
_pdbx_validate_close_contact.auth_atom_id_1 
_pdbx_validate_close_contact.auth_asym_id_1 
_pdbx_validate_close_contact.auth_comp_id_1 
_pdbx_validate_close_contact.auth_seq_id_1 
_pdbx_validate_close_contact.PDB_ins_code_1 
_pdbx_validate_close_contact.label_alt_id_1 
_pdbx_validate_close_contact.auth_atom_id_2 
_pdbx_validate_close_contact.auth_asym_id_2 
_pdbx_validate_close_contact.auth_comp_id_2 
_pdbx_validate_close_contact.auth_seq_id_2 
_pdbx_validate_close_contact.PDB_ins_code_2 
_pdbx_validate_close_contact.label_alt_id_2 
_pdbx_validate_close_contact.dist 
1 1 "HO2'" A G  4  ? ? H62   A A 20 ? ? 1.11 
2 1 H42    A CH 8  ? ? O6    A G 12 ? ? 1.55 
3 1 "H2'"  A G  6  ? ? "O4'" A G 7  ? ? 1.55 
4 1 "H4'"  A A  21 ? ? OP1   A A 22 ? ? 1.58 
5 1 N2     A G  12 ? ? "O4'" A C 14 ? ? 2.18 
# 
loop_
_pdbx_validate_rmsd_bond.id 
_pdbx_validate_rmsd_bond.PDB_model_num 
_pdbx_validate_rmsd_bond.auth_atom_id_1 
_pdbx_validate_rmsd_bond.auth_asym_id_1 
_pdbx_validate_rmsd_bond.auth_comp_id_1 
_pdbx_validate_rmsd_bond.auth_seq_id_1 
_pdbx_validate_rmsd_bond.PDB_ins_code_1 
_pdbx_validate_rmsd_bond.label_alt_id_1 
_pdbx_validate_rmsd_bond.auth_atom_id_2 
_pdbx_validate_rmsd_bond.auth_asym_id_2 
_pdbx_validate_rmsd_bond.auth_comp_id_2 
_pdbx_validate_rmsd_bond.auth_seq_id_2 
_pdbx_validate_rmsd_bond.PDB_ins_code_2 
_pdbx_validate_rmsd_bond.label_alt_id_2 
_pdbx_validate_rmsd_bond.bond_value 
_pdbx_validate_rmsd_bond.bond_target_value 
_pdbx_validate_rmsd_bond.bond_deviation 
_pdbx_validate_rmsd_bond.bond_standard_deviation 
_pdbx_validate_rmsd_bond.linker_flag 
1  1 "C2'" A G 6  ? ? "C1'" A G 6  ? ? 1.476 1.526 -0.050 0.008 N 
2  1 N1    A G 7  ? ? C2    A G 7  ? ? 1.431 1.373 0.058  0.008 N 
3  1 C6    A G 7  ? ? N1    A G 7  ? ? 1.346 1.391 -0.045 0.007 N 
4  1 N3    A C 11 ? ? C4    A C 11 ? ? 1.287 1.335 -0.048 0.007 N 
5  1 "C5'" A G 12 ? ? "C4'" A G 12 ? ? 1.617 1.509 0.108  0.012 N 
6  1 "C2'" A C 14 ? ? "C1'" A C 14 ? ? 1.456 1.526 -0.070 0.008 N 
7  1 N1    A C 15 ? ? C6    A C 15 ? ? 1.407 1.367 0.040  0.006 N 
8  1 "C2'" A A 16 ? ? "C1'" A A 16 ? ? 1.448 1.526 -0.078 0.008 N 
9  1 C6    A A 16 ? ? N1    A A 16 ? ? 1.305 1.351 -0.046 0.007 N 
10 1 N9    A A 16 ? ? C4    A A 16 ? ? 1.426 1.374 0.052  0.006 N 
11 1 "C2'" A U 18 ? ? "C1'" A U 18 ? ? 1.418 1.526 -0.108 0.008 N 
12 1 C6    A A 22 ? ? N1    A A 22 ? ? 1.307 1.351 -0.044 0.007 N 
13 1 N1    A C 28 ? ? C6    A C 28 ? ? 1.430 1.367 0.063  0.006 N 
# 
loop_
_pdbx_validate_rmsd_angle.id 
_pdbx_validate_rmsd_angle.PDB_model_num 
_pdbx_validate_rmsd_angle.auth_atom_id_1 
_pdbx_validate_rmsd_angle.auth_asym_id_1 
_pdbx_validate_rmsd_angle.auth_comp_id_1 
_pdbx_validate_rmsd_angle.auth_seq_id_1 
_pdbx_validate_rmsd_angle.PDB_ins_code_1 
_pdbx_validate_rmsd_angle.label_alt_id_1 
_pdbx_validate_rmsd_angle.auth_atom_id_2 
_pdbx_validate_rmsd_angle.auth_asym_id_2 
_pdbx_validate_rmsd_angle.auth_comp_id_2 
_pdbx_validate_rmsd_angle.auth_seq_id_2 
_pdbx_validate_rmsd_angle.PDB_ins_code_2 
_pdbx_validate_rmsd_angle.label_alt_id_2 
_pdbx_validate_rmsd_angle.auth_atom_id_3 
_pdbx_validate_rmsd_angle.auth_asym_id_3 
_pdbx_validate_rmsd_angle.auth_comp_id_3 
_pdbx_validate_rmsd_angle.auth_seq_id_3 
_pdbx_validate_rmsd_angle.PDB_ins_code_3 
_pdbx_validate_rmsd_angle.label_alt_id_3 
_pdbx_validate_rmsd_angle.angle_value 
_pdbx_validate_rmsd_angle.angle_target_value 
_pdbx_validate_rmsd_angle.angle_deviation 
_pdbx_validate_rmsd_angle.angle_standard_deviation 
_pdbx_validate_rmsd_angle.linker_flag 
1  1 "O4'" A A 3  ? ? "C1'" A A 3  ? ? N9    A A 3  ? ? 114.72 108.50 6.22  0.70 N 
2  1 N7    A A 3  ? ? C8    A A 3  ? ? N9    A A 3  ? ? 118.21 113.80 4.41  0.50 N 
3  1 C8    A A 3  ? ? N9    A A 3  ? ? C4    A A 3  ? ? 102.80 105.80 -3.00 0.40 N 
4  1 "O4'" A G 4  ? ? "C1'" A G 4  ? ? N9    A G 4  ? ? 114.49 108.50 5.99  0.70 N 
5  1 C5    A G 4  ? ? N7    A G 4  ? ? C8    A G 4  ? ? 100.98 104.30 -3.32 0.50 N 
6  1 N7    A G 4  ? ? C8    A G 4  ? ? N9    A G 4  ? ? 117.10 113.10 4.00  0.50 N 
7  1 N9    A G 4  ? ? C4    A G 4  ? ? C5    A G 4  ? ? 108.32 105.40 2.92  0.40 N 
8  1 "O4'" A G 6  ? ? "C1'" A G 6  ? ? N9    A G 6  ? ? 122.64 108.50 14.14 0.70 N 
9  1 N7    A G 6  ? ? C8    A G 6  ? ? N9    A G 6  ? ? 116.82 113.10 3.72  0.50 N 
10 1 N9    A G 6  ? ? C4    A G 6  ? ? C5    A G 6  ? ? 102.91 105.40 -2.49 0.40 N 
11 1 "C3'" A G 6  ? ? "O3'" A G 6  ? ? P     A G 7  ? ? 128.72 119.70 9.02  1.20 Y 
12 1 P     A G 7  ? ? "O5'" A G 7  ? ? "C5'" A G 7  ? ? 130.75 120.90 9.85  1.60 N 
13 1 "O4'" A G 7  ? ? "C1'" A G 7  ? ? N9    A G 7  ? ? 121.83 108.50 13.33 0.70 N 
14 1 N7    A G 7  ? ? C8    A G 7  ? ? N9    A G 7  ? ? 117.66 113.10 4.56  0.50 N 
15 1 N7    A G 9  ? ? C8    A G 9  ? ? N9    A G 9  ? ? 117.83 113.10 4.73  0.50 N 
16 1 C8    A G 9  ? ? N9    A G 9  ? ? C4    A G 9  ? ? 103.60 106.40 -2.80 0.40 N 
17 1 P     A C 11 ? ? "O5'" A C 11 ? ? "C5'" A C 11 ? ? 135.18 120.90 14.28 1.60 N 
18 1 "O4'" A G 12 ? ? "C1'" A G 12 ? ? N9    A G 12 ? ? 113.64 108.50 5.14  0.70 N 
19 1 C5    A G 12 ? ? N7    A G 12 ? ? C8    A G 12 ? ? 101.28 104.30 -3.02 0.50 N 
20 1 N7    A G 12 ? ? C8    A G 12 ? ? N9    A G 12 ? ? 118.41 113.10 5.31  0.50 N 
21 1 C8    A G 12 ? ? N9    A G 12 ? ? C4    A G 12 ? ? 101.99 106.40 -4.41 0.40 N 
22 1 N7    A A 13 ? ? C8    A A 13 ? ? N9    A A 13 ? ? 117.49 113.80 3.69  0.50 N 
23 1 "O4'" A A 16 ? ? "C1'" A A 16 ? ? N9    A A 16 ? ? 119.34 108.50 10.84 0.70 N 
24 1 N7    A A 16 ? ? C8    A A 16 ? ? N9    A A 16 ? ? 117.49 113.80 3.69  0.50 N 
25 1 N9    A A 16 ? ? C4    A A 16 ? ? C5    A A 16 ? ? 102.21 105.80 -3.59 0.40 N 
26 1 "O4'" A C 17 ? ? "C1'" A C 17 ? ? N1    A C 17 ? ? 113.36 108.50 4.86  0.70 N 
27 1 "C5'" A U 18 ? ? "C4'" A U 18 ? ? "O4'" A U 18 ? ? 115.66 109.80 5.86  0.90 N 
28 1 "O4'" A U 18 ? ? "C1'" A U 18 ? ? N1    A U 18 ? ? 112.88 108.50 4.38  0.70 N 
29 1 "O4'" A U 19 ? ? "C1'" A U 19 ? ? N1    A U 19 ? ? 113.34 108.50 4.84  0.70 N 
30 1 N7    A A 20 ? ? C8    A A 20 ? ? N9    A A 20 ? ? 117.44 113.80 3.64  0.50 N 
31 1 "C3'" A A 20 ? ? "O3'" A A 20 ? ? P     A A 21 ? ? 131.82 119.70 12.12 1.20 Y 
32 1 "C3'" A A 21 ? ? "C2'" A A 21 ? ? "C1'" A A 21 ? ? 106.97 101.50 5.47  0.80 N 
33 1 N7    A A 21 ? ? C8    A A 21 ? ? N9    A A 21 ? ? 117.26 113.80 3.46  0.50 N 
34 1 C8    A A 21 ? ? N9    A A 21 ? ? C4    A A 21 ? ? 102.97 105.80 -2.83 0.40 N 
35 1 N7    A A 22 ? ? C8    A A 22 ? ? N9    A A 22 ? ? 117.63 113.80 3.83  0.50 N 
36 1 N7    A A 23 ? ? C8    A A 23 ? ? N9    A A 23 ? ? 116.88 113.80 3.08  0.50 N 
37 1 C8    A A 23 ? ? N9    A A 23 ? ? C4    A A 23 ? ? 103.30 105.80 -2.50 0.40 N 
38 1 "C5'" A A 24 ? ? "C4'" A A 24 ? ? "O4'" A A 24 ? ? 115.83 109.80 6.03  0.90 N 
39 1 "O4'" A A 24 ? ? "C1'" A A 24 ? ? N9    A A 24 ? ? 113.16 108.50 4.66  0.70 N 
40 1 N7    A A 24 ? ? C8    A A 24 ? ? N9    A A 24 ? ? 117.25 113.80 3.45  0.50 N 
41 1 N7    A A 26 ? ? C8    A A 26 ? ? N9    A A 26 ? ? 118.26 113.80 4.46  0.50 N 
42 1 C8    A A 26 ? ? N9    A A 26 ? ? C4    A A 26 ? ? 102.61 105.80 -3.19 0.40 N 
43 1 "O4'" A C 27 ? ? "C1'" A C 27 ? ? N1    A C 27 ? ? 113.82 108.50 5.32  0.70 N 
44 1 N7    A G 29 ? ? C8    A G 29 ? ? N9    A G 29 ? ? 118.18 113.10 5.08  0.50 N 
45 1 C8    A G 29 ? ? N9    A G 29 ? ? C4    A G 29 ? ? 101.33 106.40 -5.07 0.40 N 
46 1 N9    A G 29 ? ? C4    A G 29 ? ? C5    A G 29 ? ? 108.11 105.40 2.71  0.40 N 
47 1 N7    A G 30 ? ? C8    A G 30 ? ? N9    A G 30 ? ? 116.19 113.10 3.09  0.50 N 
48 1 C8    A G 30 ? ? N9    A G 30 ? ? C4    A G 30 ? ? 102.72 106.40 -3.68 0.40 N 
# 
loop_
_pdbx_validate_planes.id 
_pdbx_validate_planes.PDB_model_num 
_pdbx_validate_planes.auth_comp_id 
_pdbx_validate_planes.auth_asym_id 
_pdbx_validate_planes.auth_seq_id 
_pdbx_validate_planes.PDB_ins_code 
_pdbx_validate_planes.label_alt_id 
_pdbx_validate_planes.rmsd 
_pdbx_validate_planes.type 
1  1 A A 3  ? ? 0.085 'SIDE CHAIN' 
2  1 G A 4  ? ? 0.071 'SIDE CHAIN' 
3  1 U A 5  ? ? 0.072 'SIDE CHAIN' 
4  1 G A 6  ? ? 0.081 'SIDE CHAIN' 
5  1 G A 7  ? ? 0.094 'SIDE CHAIN' 
6  1 C A 10 ? ? 0.091 'SIDE CHAIN' 
7  1 C A 11 ? ? 0.084 'SIDE CHAIN' 
8  1 G A 12 ? ? 0.075 'SIDE CHAIN' 
9  1 C A 14 ? ? 0.090 'SIDE CHAIN' 
10 1 C A 15 ? ? 0.104 'SIDE CHAIN' 
11 1 A A 16 ? ? 0.106 'SIDE CHAIN' 
12 1 C A 17 ? ? 0.087 'SIDE CHAIN' 
13 1 U A 18 ? ? 0.088 'SIDE CHAIN' 
14 1 A A 23 ? ? 0.054 'SIDE CHAIN' 
15 1 G A 29 ? ? 0.081 'SIDE CHAIN' 
16 1 G A 30 ? ? 0.079 'SIDE CHAIN' 
# 
_pdbx_struct_mod_residue.id               1 
_pdbx_struct_mod_residue.label_asym_id    A 
_pdbx_struct_mod_residue.label_comp_id    CH 
_pdbx_struct_mod_residue.label_seq_id     6 
_pdbx_struct_mod_residue.auth_asym_id     A 
_pdbx_struct_mod_residue.auth_comp_id     CH 
_pdbx_struct_mod_residue.auth_seq_id      8 
_pdbx_struct_mod_residue.PDB_ins_code     ? 
_pdbx_struct_mod_residue.parent_comp_id   C 
_pdbx_struct_mod_residue.details          
;N3-PROTONATED CYTIDINE-5'-MONOPHOSPHATE
;
# 
_pdbx_nmr_ensemble.entry_id                                      1YG4 
_pdbx_nmr_ensemble.conformers_calculated_total_number            25 
_pdbx_nmr_ensemble.conformers_submitted_total_number             1 
_pdbx_nmr_ensemble.conformer_selection_criteria                  'averaged structure' 
_pdbx_nmr_ensemble.average_constraints_per_residue               ? 
_pdbx_nmr_ensemble.average_constraint_violations_per_residue     ? 
_pdbx_nmr_ensemble.maximum_distance_constraint_violation         ? 
_pdbx_nmr_ensemble.average_distance_constraint_violation         ? 
_pdbx_nmr_ensemble.maximum_upper_distance_constraint_violation   ? 
_pdbx_nmr_ensemble.maximum_lower_distance_constraint_violation   ? 
_pdbx_nmr_ensemble.distance_constraint_violation_method          ? 
_pdbx_nmr_ensemble.maximum_torsion_angle_constraint_violation    ? 
_pdbx_nmr_ensemble.average_torsion_angle_constraint_violation    ? 
_pdbx_nmr_ensemble.torsion_angle_constraint_violation_method     ? 
# 
_pdbx_nmr_representative.entry_id             1YG4 
_pdbx_nmr_representative.conformer_id         1 
_pdbx_nmr_representative.selection_criteria   'minimized average structure' 
# 
loop_
_pdbx_nmr_sample_details.solution_id 
_pdbx_nmr_sample_details.contents 
_pdbx_nmr_sample_details.solvent_system 
1 '2mM ScYLV pseudoknot, 100mM KCl, 5mM MgCl2, pH6.0'                      '90% H2O/10% D2O' 
2 '2mM ScYLV pseudoknot, 100mM KCl, 5mM MgCl2, pH6.0'                      '100% D2O'        
3 '2mM ScYLV pseudoknot, 100mM KCl, 5mM MgCl2, pH6.0, 12.5mg/ml PF1 phage' '100% D2O'        
# 
loop_
_pdbx_nmr_exptl_sample_conditions.conditions_id 
_pdbx_nmr_exptl_sample_conditions.temperature 
_pdbx_nmr_exptl_sample_conditions.pressure 
_pdbx_nmr_exptl_sample_conditions.pH 
_pdbx_nmr_exptl_sample_conditions.ionic_strength 
_pdbx_nmr_exptl_sample_conditions.pressure_units 
_pdbx_nmr_exptl_sample_conditions.temperature_units 
1 283 ambient 6.0 '100mM KCl; 5mM MgCl2' ? K 
2 298 ambient 6.0 '100mM KCl; 5mM MgCl2' ? K 
3 298 ambient 6.0 '100mM KCl; 5mM MgCl2' ? K 
# 
loop_
_pdbx_nmr_exptl.experiment_id 
_pdbx_nmr_exptl.conditions_id 
_pdbx_nmr_exptl.type 
_pdbx_nmr_exptl.solution_id 
1 1 '2D NOESY'                  1 
2 2 '2D NOESY'                  2 
3 2 3D_13C-separated_NOESY      2 
4 3 'CT-TROSY and CT-antiTROSY' 3 
5 3 'J-modulated HSQC'          3 
6 2 '2D TOCSY'                  2 
# 
_pdbx_nmr_refine.entry_id           1YG4 
_pdbx_nmr_refine.method             'simulated annealing' 
_pdbx_nmr_refine.details            ? 
_pdbx_nmr_refine.software_ordinal   1 
# 
loop_
_pdbx_nmr_software.classification 
_pdbx_nmr_software.name 
_pdbx_nmr_software.version 
_pdbx_nmr_software.authors 
_pdbx_nmr_software.ordinal 
processing           NMRPipe    97.027.12.56 'F. Delaglio, S. Grzesiek, G.W. Vuister, G. Zhu, J. Pfeifer and A. Bax' 1 
'data analysis'      Sparky     3.110        'T. D. Goddard and D. G. Kneller'                                       2 
'structure solution' X-PLOR-NIH 2.9.7        'G.M. Clore , J.Kuszewski, C.D. Schwieters, and N.Tjandra'              3 
refinement           X-PLOR-NIH 2.9.7        'G.M. Clore , J.Kuszewski, C.D. Schwieters, and N.Tjandra'              4 
# 
loop_
_chem_comp_atom.comp_id 
_chem_comp_atom.atom_id 
_chem_comp_atom.type_symbol 
_chem_comp_atom.pdbx_aromatic_flag 
_chem_comp_atom.pdbx_stereo_config 
_chem_comp_atom.pdbx_ordinal 
A  OP3    O N N 1   
A  P      P N N 2   
A  OP1    O N N 3   
A  OP2    O N N 4   
A  "O5'"  O N N 5   
A  "C5'"  C N N 6   
A  "C4'"  C N R 7   
A  "O4'"  O N N 8   
A  "C3'"  C N S 9   
A  "O3'"  O N N 10  
A  "C2'"  C N R 11  
A  "O2'"  O N N 12  
A  "C1'"  C N R 13  
A  N9     N Y N 14  
A  C8     C Y N 15  
A  N7     N Y N 16  
A  C5     C Y N 17  
A  C6     C Y N 18  
A  N6     N N N 19  
A  N1     N Y N 20  
A  C2     C Y N 21  
A  N3     N Y N 22  
A  C4     C Y N 23  
A  HOP3   H N N 24  
A  HOP2   H N N 25  
A  "H5'"  H N N 26  
A  "H5''" H N N 27  
A  "H4'"  H N N 28  
A  "H3'"  H N N 29  
A  "HO3'" H N N 30  
A  "H2'"  H N N 31  
A  "HO2'" H N N 32  
A  "H1'"  H N N 33  
A  H8     H N N 34  
A  H61    H N N 35  
A  H62    H N N 36  
A  H2     H N N 37  
C  OP3    O N N 38  
C  P      P N N 39  
C  OP1    O N N 40  
C  OP2    O N N 41  
C  "O5'"  O N N 42  
C  "C5'"  C N N 43  
C  "C4'"  C N R 44  
C  "O4'"  O N N 45  
C  "C3'"  C N S 46  
C  "O3'"  O N N 47  
C  "C2'"  C N R 48  
C  "O2'"  O N N 49  
C  "C1'"  C N R 50  
C  N1     N N N 51  
C  C2     C N N 52  
C  O2     O N N 53  
C  N3     N N N 54  
C  C4     C N N 55  
C  N4     N N N 56  
C  C5     C N N 57  
C  C6     C N N 58  
C  HOP3   H N N 59  
C  HOP2   H N N 60  
C  "H5'"  H N N 61  
C  "H5''" H N N 62  
C  "H4'"  H N N 63  
C  "H3'"  H N N 64  
C  "HO3'" H N N 65  
C  "H2'"  H N N 66  
C  "HO2'" H N N 67  
C  "H1'"  H N N 68  
C  H41    H N N 69  
C  H42    H N N 70  
C  H5     H N N 71  
C  H6     H N N 72  
CH OP3    O N N 73  
CH P      P N N 74  
CH OP1    O N N 75  
CH OP2    O N N 76  
CH "O5'"  O N N 77  
CH "C5'"  C N N 78  
CH "C4'"  C N R 79  
CH "O4'"  O N N 80  
CH "C3'"  C N S 81  
CH "O3'"  O N N 82  
CH "C2'"  C N R 83  
CH "O2'"  O N N 84  
CH "C1'"  C N R 85  
CH N1     N N N 86  
CH C2     C N N 87  
CH O2     O N N 88  
CH N3     N N N 89  
CH C4     C N N 90  
CH N4     N N N 91  
CH C5     C N N 92  
CH C6     C N N 93  
CH HOP3   H N N 94  
CH HOP2   H N N 95  
CH "H5'"  H N N 96  
CH "H5''" H N N 97  
CH "H4'"  H N N 98  
CH "H3'"  H N N 99  
CH "HO3'" H N N 100 
CH "H2'"  H N N 101 
CH "HO2'" H N N 102 
CH "H1'"  H N N 103 
CH HN3    H N N 104 
CH H41    H N N 105 
CH H42    H N N 106 
CH H5     H N N 107 
CH H6     H N N 108 
G  OP3    O N N 109 
G  P      P N N 110 
G  OP1    O N N 111 
G  OP2    O N N 112 
G  "O5'"  O N N 113 
G  "C5'"  C N N 114 
G  "C4'"  C N R 115 
G  "O4'"  O N N 116 
G  "C3'"  C N S 117 
G  "O3'"  O N N 118 
G  "C2'"  C N R 119 
G  "O2'"  O N N 120 
G  "C1'"  C N R 121 
G  N9     N Y N 122 
G  C8     C Y N 123 
G  N7     N Y N 124 
G  C5     C Y N 125 
G  C6     C N N 126 
G  O6     O N N 127 
G  N1     N N N 128 
G  C2     C N N 129 
G  N2     N N N 130 
G  N3     N N N 131 
G  C4     C Y N 132 
G  HOP3   H N N 133 
G  HOP2   H N N 134 
G  "H5'"  H N N 135 
G  "H5''" H N N 136 
G  "H4'"  H N N 137 
G  "H3'"  H N N 138 
G  "HO3'" H N N 139 
G  "H2'"  H N N 140 
G  "HO2'" H N N 141 
G  "H1'"  H N N 142 
G  H8     H N N 143 
G  H1     H N N 144 
G  H21    H N N 145 
G  H22    H N N 146 
U  OP3    O N N 147 
U  P      P N N 148 
U  OP1    O N N 149 
U  OP2    O N N 150 
U  "O5'"  O N N 151 
U  "C5'"  C N N 152 
U  "C4'"  C N R 153 
U  "O4'"  O N N 154 
U  "C3'"  C N S 155 
U  "O3'"  O N N 156 
U  "C2'"  C N R 157 
U  "O2'"  O N N 158 
U  "C1'"  C N R 159 
U  N1     N N N 160 
U  C2     C N N 161 
U  O2     O N N 162 
U  N3     N N N 163 
U  C4     C N N 164 
U  O4     O N N 165 
U  C5     C N N 166 
U  C6     C N N 167 
U  HOP3   H N N 168 
U  HOP2   H N N 169 
U  "H5'"  H N N 170 
U  "H5''" H N N 171 
U  "H4'"  H N N 172 
U  "H3'"  H N N 173 
U  "HO3'" H N N 174 
U  "H2'"  H N N 175 
U  "HO2'" H N N 176 
U  "H1'"  H N N 177 
U  H3     H N N 178 
U  H5     H N N 179 
U  H6     H N N 180 
# 
loop_
_chem_comp_bond.comp_id 
_chem_comp_bond.atom_id_1 
_chem_comp_bond.atom_id_2 
_chem_comp_bond.value_order 
_chem_comp_bond.pdbx_aromatic_flag 
_chem_comp_bond.pdbx_stereo_config 
_chem_comp_bond.pdbx_ordinal 
A  OP3   P      sing N N 1   
A  OP3   HOP3   sing N N 2   
A  P     OP1    doub N N 3   
A  P     OP2    sing N N 4   
A  P     "O5'"  sing N N 5   
A  OP2   HOP2   sing N N 6   
A  "O5'" "C5'"  sing N N 7   
A  "C5'" "C4'"  sing N N 8   
A  "C5'" "H5'"  sing N N 9   
A  "C5'" "H5''" sing N N 10  
A  "C4'" "O4'"  sing N N 11  
A  "C4'" "C3'"  sing N N 12  
A  "C4'" "H4'"  sing N N 13  
A  "O4'" "C1'"  sing N N 14  
A  "C3'" "O3'"  sing N N 15  
A  "C3'" "C2'"  sing N N 16  
A  "C3'" "H3'"  sing N N 17  
A  "O3'" "HO3'" sing N N 18  
A  "C2'" "O2'"  sing N N 19  
A  "C2'" "C1'"  sing N N 20  
A  "C2'" "H2'"  sing N N 21  
A  "O2'" "HO2'" sing N N 22  
A  "C1'" N9     sing N N 23  
A  "C1'" "H1'"  sing N N 24  
A  N9    C8     sing Y N 25  
A  N9    C4     sing Y N 26  
A  C8    N7     doub Y N 27  
A  C8    H8     sing N N 28  
A  N7    C5     sing Y N 29  
A  C5    C6     sing Y N 30  
A  C5    C4     doub Y N 31  
A  C6    N6     sing N N 32  
A  C6    N1     doub Y N 33  
A  N6    H61    sing N N 34  
A  N6    H62    sing N N 35  
A  N1    C2     sing Y N 36  
A  C2    N3     doub Y N 37  
A  C2    H2     sing N N 38  
A  N3    C4     sing Y N 39  
C  OP3   P      sing N N 40  
C  OP3   HOP3   sing N N 41  
C  P     OP1    doub N N 42  
C  P     OP2    sing N N 43  
C  P     "O5'"  sing N N 44  
C  OP2   HOP2   sing N N 45  
C  "O5'" "C5'"  sing N N 46  
C  "C5'" "C4'"  sing N N 47  
C  "C5'" "H5'"  sing N N 48  
C  "C5'" "H5''" sing N N 49  
C  "C4'" "O4'"  sing N N 50  
C  "C4'" "C3'"  sing N N 51  
C  "C4'" "H4'"  sing N N 52  
C  "O4'" "C1'"  sing N N 53  
C  "C3'" "O3'"  sing N N 54  
C  "C3'" "C2'"  sing N N 55  
C  "C3'" "H3'"  sing N N 56  
C  "O3'" "HO3'" sing N N 57  
C  "C2'" "O2'"  sing N N 58  
C  "C2'" "C1'"  sing N N 59  
C  "C2'" "H2'"  sing N N 60  
C  "O2'" "HO2'" sing N N 61  
C  "C1'" N1     sing N N 62  
C  "C1'" "H1'"  sing N N 63  
C  N1    C2     sing N N 64  
C  N1    C6     sing N N 65  
C  C2    O2     doub N N 66  
C  C2    N3     sing N N 67  
C  N3    C4     doub N N 68  
C  C4    N4     sing N N 69  
C  C4    C5     sing N N 70  
C  N4    H41    sing N N 71  
C  N4    H42    sing N N 72  
C  C5    C6     doub N N 73  
C  C5    H5     sing N N 74  
C  C6    H6     sing N N 75  
CH OP3   P      sing N N 76  
CH OP3   HOP3   sing N N 77  
CH P     OP1    doub N N 78  
CH P     OP2    sing N N 79  
CH P     "O5'"  sing N N 80  
CH OP2   HOP2   sing N N 81  
CH "O5'" "C5'"  sing N N 82  
CH "C5'" "C4'"  sing N N 83  
CH "C5'" "H5'"  sing N N 84  
CH "C5'" "H5''" sing N N 85  
CH "C4'" "O4'"  sing N N 86  
CH "C4'" "C3'"  sing N N 87  
CH "C4'" "H4'"  sing N N 88  
CH "O4'" "C1'"  sing N N 89  
CH "C3'" "O3'"  sing N N 90  
CH "C3'" "C2'"  sing N N 91  
CH "C3'" "H3'"  sing N N 92  
CH "O3'" "HO3'" sing N N 93  
CH "C2'" "O2'"  sing N N 94  
CH "C2'" "C1'"  sing N N 95  
CH "C2'" "H2'"  sing N N 96  
CH "O2'" "HO2'" sing N N 97  
CH "C1'" N1     sing N N 98  
CH "C1'" "H1'"  sing N N 99  
CH N1    C2     sing N N 100 
CH N1    C6     doub N N 101 
CH C2    O2     doub N N 102 
CH C2    N3     sing N N 103 
CH N3    C4     sing N N 104 
CH N3    HN3    sing N N 105 
CH C4    N4     sing N N 106 
CH C4    C5     doub N N 107 
CH N4    H41    sing N N 108 
CH N4    H42    sing N N 109 
CH C5    C6     sing N N 110 
CH C5    H5     sing N N 111 
CH C6    H6     sing N N 112 
G  OP3   P      sing N N 113 
G  OP3   HOP3   sing N N 114 
G  P     OP1    doub N N 115 
G  P     OP2    sing N N 116 
G  P     "O5'"  sing N N 117 
G  OP2   HOP2   sing N N 118 
G  "O5'" "C5'"  sing N N 119 
G  "C5'" "C4'"  sing N N 120 
G  "C5'" "H5'"  sing N N 121 
G  "C5'" "H5''" sing N N 122 
G  "C4'" "O4'"  sing N N 123 
G  "C4'" "C3'"  sing N N 124 
G  "C4'" "H4'"  sing N N 125 
G  "O4'" "C1'"  sing N N 126 
G  "C3'" "O3'"  sing N N 127 
G  "C3'" "C2'"  sing N N 128 
G  "C3'" "H3'"  sing N N 129 
G  "O3'" "HO3'" sing N N 130 
G  "C2'" "O2'"  sing N N 131 
G  "C2'" "C1'"  sing N N 132 
G  "C2'" "H2'"  sing N N 133 
G  "O2'" "HO2'" sing N N 134 
G  "C1'" N9     sing N N 135 
G  "C1'" "H1'"  sing N N 136 
G  N9    C8     sing Y N 137 
G  N9    C4     sing Y N 138 
G  C8    N7     doub Y N 139 
G  C8    H8     sing N N 140 
G  N7    C5     sing Y N 141 
G  C5    C6     sing N N 142 
G  C5    C4     doub Y N 143 
G  C6    O6     doub N N 144 
G  C6    N1     sing N N 145 
G  N1    C2     sing N N 146 
G  N1    H1     sing N N 147 
G  C2    N2     sing N N 148 
G  C2    N3     doub N N 149 
G  N2    H21    sing N N 150 
G  N2    H22    sing N N 151 
G  N3    C4     sing N N 152 
U  OP3   P      sing N N 153 
U  OP3   HOP3   sing N N 154 
U  P     OP1    doub N N 155 
U  P     OP2    sing N N 156 
U  P     "O5'"  sing N N 157 
U  OP2   HOP2   sing N N 158 
U  "O5'" "C5'"  sing N N 159 
U  "C5'" "C4'"  sing N N 160 
U  "C5'" "H5'"  sing N N 161 
U  "C5'" "H5''" sing N N 162 
U  "C4'" "O4'"  sing N N 163 
U  "C4'" "C3'"  sing N N 164 
U  "C4'" "H4'"  sing N N 165 
U  "O4'" "C1'"  sing N N 166 
U  "C3'" "O3'"  sing N N 167 
U  "C3'" "C2'"  sing N N 168 
U  "C3'" "H3'"  sing N N 169 
U  "O3'" "HO3'" sing N N 170 
U  "C2'" "O2'"  sing N N 171 
U  "C2'" "C1'"  sing N N 172 
U  "C2'" "H2'"  sing N N 173 
U  "O2'" "HO2'" sing N N 174 
U  "C1'" N1     sing N N 175 
U  "C1'" "H1'"  sing N N 176 
U  N1    C2     sing N N 177 
U  N1    C6     sing N N 178 
U  C2    O2     doub N N 179 
U  C2    N3     sing N N 180 
U  N3    C4     sing N N 181 
U  N3    H3     sing N N 182 
U  C4    O4     doub N N 183 
U  C4    C5     sing N N 184 
U  C5    C6     doub N N 185 
U  C5    H5     sing N N 186 
U  C6    H6     sing N N 187 
# 
loop_
_ndb_struct_conf_na.entry_id 
_ndb_struct_conf_na.feature 
1YG4 'double helix' 
1YG4 'triple helix' 
# 
loop_
_ndb_struct_na_base_pair.model_number 
_ndb_struct_na_base_pair.i_label_asym_id 
_ndb_struct_na_base_pair.i_label_comp_id 
_ndb_struct_na_base_pair.i_label_seq_id 
_ndb_struct_na_base_pair.i_symmetry 
_ndb_struct_na_base_pair.j_label_asym_id 
_ndb_struct_na_base_pair.j_label_comp_id 
_ndb_struct_na_base_pair.j_label_seq_id 
_ndb_struct_na_base_pair.j_symmetry 
_ndb_struct_na_base_pair.shear 
_ndb_struct_na_base_pair.stretch 
_ndb_struct_na_base_pair.stagger 
_ndb_struct_na_base_pair.buckle 
_ndb_struct_na_base_pair.propeller 
_ndb_struct_na_base_pair.opening 
_ndb_struct_na_base_pair.pair_number 
_ndb_struct_na_base_pair.pair_name 
_ndb_struct_na_base_pair.i_auth_asym_id 
_ndb_struct_na_base_pair.i_auth_seq_id 
_ndb_struct_na_base_pair.i_PDB_ins_code 
_ndb_struct_na_base_pair.j_auth_asym_id 
_ndb_struct_na_base_pair.j_auth_seq_id 
_ndb_struct_na_base_pair.j_PDB_ins_code 
_ndb_struct_na_base_pair.hbond_type_28 
_ndb_struct_na_base_pair.hbond_type_12 
1 A A 1  1_555 A U 16 1_555 0.008  -0.128 0.025  0.684  -1.255 -0.093 1 A_A3:U18_A  A 3  ? A 18 ? 20 1 
1 A G 2  1_555 A C 15 1_555 -0.055 -0.066 0.070  1.292  -0.145 2.945  2 A_G4:C17_A  A 4  ? A 17 ? 19 1 
1 A U 3  1_555 A A 14 1_555 -0.099 -0.146 -0.038 -0.460 0.351  -1.810 3 A_U5:A16_A  A 5  ? A 16 ? 20 1 
1 A G 4  1_555 A C 13 1_555 -0.051 -0.108 0.031  1.845  0.732  -3.863 4 A_G6:C15_A  A 6  ? A 15 ? 19 1 
1 A G 5  1_555 A C 12 1_555 -0.141 -0.123 -0.067 1.376  1.006  0.304  5 A_G7:C14_A  A 7  ? A 14 ? 19 1 
1 A C 26 1_555 A G 10 1_555 -0.030 -0.200 0.631  -3.375 -9.463 -7.294 6 A_C28:G12_A A 28 ? A 12 ? 19 1 
1 A G 27 1_555 A C 9  1_555 0.033  -0.065 0.117  2.760  0.324  -1.757 7 A_G29:C11_A A 29 ? A 11 ? 19 1 
1 A G 28 1_555 A C 8  1_555 -0.054 -0.130 0.107  1.832  -0.685 -3.730 8 A_G30:C10_A A 30 ? A 10 ? 19 1 
# 
loop_
_ndb_struct_na_base_pair_step.model_number 
_ndb_struct_na_base_pair_step.i_label_asym_id_1 
_ndb_struct_na_base_pair_step.i_label_comp_id_1 
_ndb_struct_na_base_pair_step.i_label_seq_id_1 
_ndb_struct_na_base_pair_step.i_symmetry_1 
_ndb_struct_na_base_pair_step.j_label_asym_id_1 
_ndb_struct_na_base_pair_step.j_label_comp_id_1 
_ndb_struct_na_base_pair_step.j_label_seq_id_1 
_ndb_struct_na_base_pair_step.j_symmetry_1 
_ndb_struct_na_base_pair_step.i_label_asym_id_2 
_ndb_struct_na_base_pair_step.i_label_comp_id_2 
_ndb_struct_na_base_pair_step.i_label_seq_id_2 
_ndb_struct_na_base_pair_step.i_symmetry_2 
_ndb_struct_na_base_pair_step.j_label_asym_id_2 
_ndb_struct_na_base_pair_step.j_label_comp_id_2 
_ndb_struct_na_base_pair_step.j_label_seq_id_2 
_ndb_struct_na_base_pair_step.j_symmetry_2 
_ndb_struct_na_base_pair_step.shift 
_ndb_struct_na_base_pair_step.slide 
_ndb_struct_na_base_pair_step.rise 
_ndb_struct_na_base_pair_step.tilt 
_ndb_struct_na_base_pair_step.roll 
_ndb_struct_na_base_pair_step.twist 
_ndb_struct_na_base_pair_step.x_displacement 
_ndb_struct_na_base_pair_step.y_displacement 
_ndb_struct_na_base_pair_step.helical_rise 
_ndb_struct_na_base_pair_step.inclination 
_ndb_struct_na_base_pair_step.tip 
_ndb_struct_na_base_pair_step.helical_twist 
_ndb_struct_na_base_pair_step.step_number 
_ndb_struct_na_base_pair_step.step_name 
_ndb_struct_na_base_pair_step.i_auth_asym_id_1 
_ndb_struct_na_base_pair_step.i_auth_seq_id_1 
_ndb_struct_na_base_pair_step.i_PDB_ins_code_1 
_ndb_struct_na_base_pair_step.j_auth_asym_id_1 
_ndb_struct_na_base_pair_step.j_auth_seq_id_1 
_ndb_struct_na_base_pair_step.j_PDB_ins_code_1 
_ndb_struct_na_base_pair_step.i_auth_asym_id_2 
_ndb_struct_na_base_pair_step.i_auth_seq_id_2 
_ndb_struct_na_base_pair_step.i_PDB_ins_code_2 
_ndb_struct_na_base_pair_step.j_auth_asym_id_2 
_ndb_struct_na_base_pair_step.j_auth_seq_id_2 
_ndb_struct_na_base_pair_step.j_PDB_ins_code_2 
1 A A 1  1_555 A U 16 1_555 A G 2  1_555 A C 15 1_555 0.357  -1.618 2.928 -4.242 18.696 27.098  -5.187 -1.159 1.467 34.898 7.919  
33.090  1 AA_A3G4:C17U18_AA   A 3  ? A 18 ? A 4  ? A 17 ? 
1 A G 2  1_555 A C 15 1_555 A U 3  1_555 A A 14 1_555 -1.180 -1.191 3.235 3.076  16.018 29.861  -4.323 2.459  2.202 28.562 -5.485 
33.936  2 AA_G4U5:A16C17_AA   A 4  ? A 17 ? A 5  ? A 16 ? 
1 A U 3  1_555 A A 14 1_555 A G 4  1_555 A C 13 1_555 0.364  -1.137 2.877 1.279  17.363 29.749  -4.083 -0.457 1.951 30.731 -2.264 
34.370  3 AA_U5G6:C15A16_AA   A 5  ? A 16 ? A 6  ? A 15 ? 
1 A G 4  1_555 A C 13 1_555 A G 5  1_555 A C 12 1_555 1.863  -1.251 3.340 -1.429 14.692 25.049  -5.438 -4.004 2.177 30.706 2.986  
29.015  4 AA_G6G7:C14C15_AA   A 6  ? A 15 ? A 7  ? A 14 ? 
1 A G 5  1_555 A C 12 1_555 A C 26 1_555 A G 10 1_555 -4.402 -0.875 3.497 10.995 -4.599 110.990 -0.474 2.798  3.223 -2.786 -6.660 
111.415 5 AA_G7C28:G12C14_AA  A 7  ? A 14 ? A 28 ? A 12 ? 
1 A C 26 1_555 A G 10 1_555 A G 27 1_555 A C 9  1_555 0.978  -0.581 3.256 5.956  20.688 34.237  -3.142 -0.758 2.635 31.575 -9.091 
40.271  6 AA_C28G29:C11G12_AA A 28 ? A 12 ? A 29 ? A 11 ? 
1 A G 27 1_555 A C 9  1_555 A G 28 1_555 A C 8  1_555 -0.011 -0.450 3.377 -4.133 12.247 28.102  -3.244 -0.788 2.906 23.699 7.997  
30.878  7 AA_G29G30:C10C11_AA A 29 ? A 11 ? A 30 ? A 10 ? 
# 
loop_
_pdbx_nmr_spectrometer.spectrometer_id 
_pdbx_nmr_spectrometer.model 
_pdbx_nmr_spectrometer.manufacturer 
_pdbx_nmr_spectrometer.field_strength 
_pdbx_nmr_spectrometer.type 
1 INOVA  Varian 500 ? 
2 INOVA  Varian 600 ? 
3 AVANCE Bruker 900 ? 
# 
_atom_sites.entry_id                    1YG4 
_atom_sites.fract_transf_matrix[1][1]   1.000000 
_atom_sites.fract_transf_matrix[1][2]   0.000000 
_atom_sites.fract_transf_matrix[1][3]   0.000000 
_atom_sites.fract_transf_matrix[2][1]   0.000000 
_atom_sites.fract_transf_matrix[2][2]   1.000000 
_atom_sites.fract_transf_matrix[2][3]   0.000000 
_atom_sites.fract_transf_matrix[3][1]   0.000000 
_atom_sites.fract_transf_matrix[3][2]   0.000000 
_atom_sites.fract_transf_matrix[3][3]   1.000000 
_atom_sites.fract_transf_vector[1]      0.00000 
_atom_sites.fract_transf_vector[2]      0.00000 
_atom_sites.fract_transf_vector[3]      0.00000 
# 
loop_
_atom_type.symbol 
C 
H 
N 
O 
P 
# 
loop_
_atom_site.group_PDB 
_atom_site.id 
_atom_site.type_symbol 
_atom_site.label_atom_id 
_atom_site.label_alt_id 
_atom_site.label_comp_id 
_atom_site.label_asym_id 
_atom_site.label_entity_id 
_atom_site.label_seq_id 
_atom_site.pdbx_PDB_ins_code 
_atom_site.Cartn_x 
_atom_site.Cartn_y 
_atom_site.Cartn_z 
_atom_site.occupancy 
_atom_site.B_iso_or_equiv 
_atom_site.pdbx_formal_charge 
_atom_site.auth_seq_id 
_atom_site.auth_comp_id 
_atom_site.auth_asym_id 
_atom_site.auth_atom_id 
_atom_site.pdbx_PDB_model_num 
ATOM   1   P P      . A  A 1 1  ? -12.597 -1.823  -5.570  1.00 2.96 ? 3  A  A P      1 
ATOM   2   O OP1    . A  A 1 1  ? -13.726 -2.529  -6.216  1.00 3.80 ? 3  A  A OP1    1 
ATOM   3   O OP2    . A  A 1 1  ? -11.233 -2.396  -5.616  1.00 3.46 ? 3  A  A OP2    1 
ATOM   4   O "O5'"  . A  A 1 1  ? -12.587 -0.328  -6.141  1.00 2.40 ? 3  A  A "O5'"  1 
ATOM   5   C "C5'"  . A  A 1 1  ? -13.785 0.430   -5.910  1.00 2.32 ? 3  A  A "C5'"  1 
ATOM   6   C "C4'"  . A  A 1 1  ? -13.563 1.789   -5.216  1.00 1.79 ? 3  A  A "C4'"  1 
ATOM   7   O "O4'"  . A  A 1 1  ? -13.538 1.581   -3.781  1.00 2.06 ? 3  A  A "O4'"  1 
ATOM   8   C "C3'"  . A  A 1 1  ? -12.258 2.602   -5.442  1.00 1.55 ? 3  A  A "C3'"  1 
ATOM   9   O "O3'"  . A  A 1 1  ? -12.221 3.283   -6.695  1.00 1.70 ? 3  A  A "O3'"  1 
ATOM   10  C "C2'"  . A  A 1 1  ? -12.324 3.562   -4.227  1.00 1.93 ? 3  A  A "C2'"  1 
ATOM   11  O "O2'"  . A  A 1 1  ? -13.324 4.562   -4.472  1.00 2.76 ? 3  A  A "O2'"  1 
ATOM   12  C "C1'"  . A  A 1 1  ? -12.796 2.670   -3.135  1.00 1.93 ? 3  A  A "C1'"  1 
ATOM   13  N N9     . A  A 1 1  ? -11.757 2.233   -2.205  1.00 1.68 ? 3  A  A N9     1 
ATOM   14  C C8     . A  A 1 1  ? -11.409 0.994   -1.811  1.00 1.69 ? 3  A  A C8     1 
ATOM   15  N N7     . A  A 1 1  ? -10.717 0.869   -0.722  1.00 1.60 ? 3  A  A N7     1 
ATOM   16  C C5     . A  A 1 1  ? -10.567 2.202   -0.333  1.00 1.47 ? 3  A  A C5     1 
ATOM   17  C C6     . A  A 1 1  ? -9.931  2.814   0.758   1.00 1.33 ? 3  A  A C6     1 
ATOM   18  N N6     . A  A 1 1  ? -9.306  2.129   1.707   1.00 1.29 ? 3  A  A N6     1 
ATOM   19  N N1     . A  A 1 1  ? -9.974  4.158   0.835   1.00 1.27 ? 3  A  A N1     1 
ATOM   20  C C2     . A  A 1 1  ? -10.616 4.860   -0.109  1.00 1.35 ? 3  A  A C2     1 
ATOM   21  N N3     . A  A 1 1  ? -11.255 4.383   -1.176  1.00 1.49 ? 3  A  A N3     1 
ATOM   22  C C4     . A  A 1 1  ? -11.196 3.035   -1.228  1.00 1.53 ? 3  A  A C4     1 
ATOM   23  H "H5'"  . A  A 1 1  ? -14.425 -0.172  -5.232  1.00 2.75 ? 3  A  A "H5'"  1 
ATOM   24  H "H5''" . A  A 1 1  ? -14.387 0.558   -6.816  1.00 2.79 ? 3  A  A "H5''" 1 
ATOM   25  H "H4'"  . A  A 1 1  ? -14.442 2.383   -5.525  1.00 2.04 ? 3  A  A "H4'"  1 
ATOM   26  H "H3'"  . A  A 1 1  ? -11.372 1.948   -5.321  1.00 1.74 ? 3  A  A "H3'"  1 
ATOM   27  H "H2'"  . A  A 1 1  ? -11.370 3.977   -3.949  1.00 2.07 ? 3  A  A "H2'"  1 
ATOM   28  H "HO2'" . A  A 1 1  ? -13.078 5.370   -4.005  1.00 3.11 ? 3  A  A "HO2'" 1 
ATOM   29  H "H1'"  . A  A 1 1  ? -13.544 3.129   -2.412  1.00 2.62 ? 3  A  A "H1'"  1 
ATOM   30  H H8     . A  A 1 1  ? -11.722 0.150   -2.379  1.00 1.78 ? 3  A  A H8     1 
ATOM   31  H H61    . A  A 1 1  ? -8.841  2.631   2.486   1.00 1.20 ? 3  A  A H61    1 
ATOM   32  H H62    . A  A 1 1  ? -9.277  1.120   1.667   1.00 1.38 ? 3  A  A H62    1 
ATOM   33  H H2     . A  A 1 1  ? -10.600 5.946   -0.008  1.00 1.34 ? 3  A  A H2     1 
ATOM   34  P P      . G  A 1 2  ? -11.031 2.927   -7.720  1.00 1.78 ? 4  G  A P      1 
ATOM   35  O OP1    . G  A 1 2  ? -11.473 3.270   -9.096  1.00 2.23 ? 4  G  A OP1    1 
ATOM   36  O OP2    . G  A 1 2  ? -10.566 1.542   -7.453  1.00 2.00 ? 4  G  A OP2    1 
ATOM   37  O "O5'"  . G  A 1 2  ? -9.865  3.939   -7.292  1.00 1.66 ? 4  G  A "O5'"  1 
ATOM   38  C "C5'"  . G  A 1 2  ? -10.248 5.256   -6.907  1.00 1.60 ? 4  G  A "C5'"  1 
ATOM   39  C "C4'"  . G  A 1 2  ? -9.384  5.913   -5.783  1.00 1.40 ? 4  G  A "C4'"  1 
ATOM   40  O "O4'"  . G  A 1 2  ? -9.718  5.397   -4.469  1.00 1.32 ? 4  G  A "O4'"  1 
ATOM   41  C "C3'"  . G  A 1 2  ? -7.797  5.802   -5.789  1.00 1.31 ? 4  G  A "C3'"  1 
ATOM   42  O "O3'"  . G  A 1 2  ? -7.203  6.623   -6.796  1.00 1.40 ? 4  G  A "O3'"  1 
ATOM   43  C "C2'"  . G  A 1 2  ? -7.480  6.273   -4.356  1.00 1.11 ? 4  G  A "C2'"  1 
ATOM   44  O "O2'"  . G  A 1 2  ? -7.698  7.702   -4.226  1.00 1.13 ? 4  G  A "O2'"  1 
ATOM   45  C "C1'"  . G  A 1 2  ? -8.577  5.627   -3.566  1.00 1.13 ? 4  G  A "C1'"  1 
ATOM   46  N N9     . G  A 1 2  ? -8.179  4.460   -2.786  1.00 1.08 ? 4  G  A N9     1 
ATOM   47  C C8     . G  A 1 2  ? -8.589  3.171   -2.785  1.00 1.16 ? 4  G  A C8     1 
ATOM   48  N N7     . G  A 1 2  ? -8.273  2.448   -1.746  1.00 1.14 ? 4  G  A N7     1 
ATOM   49  C C5     . G  A 1 2  ? -7.564  3.394   -0.963  1.00 1.00 ? 4  G  A C5     1 
ATOM   50  C C6     . G  A 1 2  ? -6.922  3.299   0.322   1.00 0.92 ? 4  G  A C6     1 
ATOM   51  O O6     . G  A 1 2  ? -6.843  2.347   1.081   1.00 0.95 ? 4  G  A O6     1 
ATOM   52  N N1     . G  A 1 2  ? -6.340  4.515   0.692   1.00 0.81 ? 4  G  A N1     1 
ATOM   53  C C2     . G  A 1 2  ? -6.378  5.672   -0.090  1.00 0.80 ? 4  G  A C2     1 
ATOM   54  N N2     . G  A 1 2  ? -5.794  6.769   0.354   1.00 0.73 ? 4  G  A N2     1 
ATOM   55  N N3     . G  A 1 2  ? -6.963  5.741   -1.249  1.00 0.87 ? 4  G  A N3     1 
ATOM   56  C C4     . G  A 1 2  ? -7.517  4.593   -1.626  1.00 0.97 ? 4  G  A C4     1 
ATOM   57  H "H5'"  . G  A 1 2  ? -11.241 5.183   -6.464  1.00 1.81 ? 4  G  A "H5'"  1 
ATOM   58  H "H5''" . G  A 1 2  ? -10.360 5.918   -7.823  1.00 1.88 ? 4  G  A "H5''" 1 
ATOM   59  H "H4'"  . G  A 1 2  ? -9.676  6.980   -5.817  1.00 1.39 ? 4  G  A "H4'"  1 
ATOM   60  H "H3'"  . G  A 1 2  ? -7.422  4.743   -5.858  1.00 1.37 ? 4  G  A "H3'"  1 
ATOM   61  H "H2'"  . G  A 1 2  ? -6.452  5.956   -3.981  1.00 1.00 ? 4  G  A "H2'"  1 
ATOM   62  H "HO2'" . G  A 1 2  ? -7.314  7.993   -3.388  1.00 1.39 ? 4  G  A "HO2'" 1 
ATOM   63  H "H1'"  . G  A 1 2  ? -8.913  6.368   -2.798  1.00 1.08 ? 4  G  A "H1'"  1 
ATOM   64  H H8     . G  A 1 2  ? -9.180  2.784   -3.609  1.00 1.24 ? 4  G  A H8     1 
ATOM   65  H H1     . G  A 1 2  ? -5.837  4.519   1.618   1.00 0.76 ? 4  G  A H1     1 
ATOM   66  H H21    . G  A 1 2  ? -5.322  6.765   1.240   1.00 0.69 ? 4  G  A H21    1 
ATOM   67  H H22    . G  A 1 2  ? -5.819  7.613   -0.199  1.00 0.74 ? 4  G  A H22    1 
ATOM   68  P P      . U  A 1 3  ? -6.080  5.963   -7.743  1.00 1.89 ? 5  U  A P      1 
ATOM   69  O OP1    . U  A 1 3  ? -6.115  6.619   -9.080  1.00 2.38 ? 5  U  A OP1    1 
ATOM   70  O OP2    . U  A 1 3  ? -6.255  4.485   -7.696  1.00 2.61 ? 5  U  A OP2    1 
ATOM   71  O "O5'"  . U  A 1 3  ? -4.686  6.316   -7.054  1.00 1.74 ? 5  U  A "O5'"  1 
ATOM   72  C "C5'"  . U  A 1 3  ? -4.274  7.671   -6.956  1.00 1.63 ? 5  U  A "C5'"  1 
ATOM   73  C "C4'"  . U  A 1 3  ? -3.290  7.880   -5.790  1.00 1.11 ? 5  U  A "C4'"  1 
ATOM   74  O "O4'"  . U  A 1 3  ? -3.883  7.542   -4.522  1.00 1.09 ? 5  U  A "O4'"  1 
ATOM   75  C "C3'"  . U  A 1 3  ? -1.951  7.112   -5.813  1.00 0.90 ? 5  U  A "C3'"  1 
ATOM   76  O "O3'"  . U  A 1 3  ? -1.065  7.712   -6.751  1.00 0.96 ? 5  U  A "O3'"  1 
ATOM   77  C "C2'"  . U  A 1 3  ? -1.546  7.347   -4.378  1.00 0.88 ? 5  U  A "C2'"  1 
ATOM   78  O "O2'"  . U  A 1 3  ? -1.253  8.749   -4.152  1.00 1.41 ? 5  U  A "O2'"  1 
ATOM   79  C "C1'"  . U  A 1 3  ? -2.809  7.122   -3.637  1.00 0.77 ? 5  U  A "C1'"  1 
ATOM   80  N N1     . U  A 1 3  ? -3.072  5.796   -3.063  1.00 0.73 ? 5  U  A N1     1 
ATOM   81  C C2     . U  A 1 3  ? -2.578  5.582   -1.779  1.00 0.67 ? 5  U  A C2     1 
ATOM   82  O O2     . U  A 1 3  ? -1.775  6.335   -1.249  1.00 0.64 ? 5  U  A O2     1 
ATOM   83  N N3     . U  A 1 3  ? -3.037  4.479   -1.116  1.00 0.69 ? 5  U  A N3     1 
ATOM   84  C C4     . U  A 1 3  ? -3.948  3.547   -1.633  1.00 0.79 ? 5  U  A C4     1 
ATOM   85  O O4     . U  A 1 3  ? -4.297  2.561   -0.999  1.00 0.84 ? 5  U  A O4     1 
ATOM   86  C C5     . U  A 1 3  ? -4.398  3.838   -2.973  1.00 0.86 ? 5  U  A C5     1 
ATOM   87  C C6     . U  A 1 3  ? -3.961  4.933   -3.640  1.00 0.83 ? 5  U  A C6     1 
ATOM   88  H "H5'"  . U  A 1 3  ? -5.155  8.283   -6.742  1.00 2.02 ? 5  U  A "H5'"  1 
ATOM   89  H "H5''" . U  A 1 3  ? -3.862  8.029   -7.916  1.00 1.89 ? 5  U  A "H5''" 1 
ATOM   90  H "H4'"  . U  A 1 3  ? -3.047  8.939   -5.756  1.00 1.22 ? 5  U  A "H4'"  1 
ATOM   91  H "H3'"  . U  A 1 3  ? -2.079  6.017   -5.962  1.00 1.21 ? 5  U  A "H3'"  1 
ATOM   92  H "H2'"  . U  A 1 3  ? -0.736  6.701   -4.027  1.00 1.18 ? 5  U  A "H2'"  1 
ATOM   93  H "HO2'" . U  A 1 3  ? -1.580  9.232   -4.919  1.00 1.75 ? 5  U  A "HO2'" 1 
ATOM   94  H "H1'"  . U  A 1 3  ? -2.792  7.825   -2.794  1.00 1.07 ? 5  U  A "H1'"  1 
ATOM   95  H H3     . U  A 1 3  ? -2.721  4.379   -0.158  1.00 0.67 ? 5  U  A H3     1 
ATOM   96  H H5     . U  A 1 3  ? -5.077  3.134   -3.453  1.00 0.95 ? 5  U  A H5     1 
ATOM   97  H H6     . U  A 1 3  ? -4.324  5.122   -4.650  1.00 0.89 ? 5  U  A H6     1 
ATOM   98  P P      . G  A 1 4  ? 0.174   6.977   -7.454  1.00 1.20 ? 6  G  A P      1 
ATOM   99  O OP1    . G  A 1 4  ? 0.823   8.004   -8.311  1.00 1.97 ? 6  G  A OP1    1 
ATOM   100 O OP2    . G  A 1 4  ? -0.257  5.701   -8.082  1.00 1.56 ? 6  G  A OP2    1 
ATOM   101 O "O5'"  . G  A 1 4  ? 1.127   6.559   -6.251  1.00 1.21 ? 6  G  A "O5'"  1 
ATOM   102 C "C5'"  . G  A 1 4  ? 1.892   7.459   -5.473  1.00 0.88 ? 6  G  A "C5'"  1 
ATOM   103 C "C4'"  . G  A 1 4  ? 2.294   6.799   -4.182  1.00 0.77 ? 6  G  A "C4'"  1 
ATOM   104 O "O4'"  . G  A 1 4  ? 1.168   6.383   -3.333  1.00 0.74 ? 6  G  A "O4'"  1 
ATOM   105 C "C3'"  . G  A 1 4  ? 3.118   5.569   -4.442  1.00 1.11 ? 6  G  A "C3'"  1 
ATOM   106 O "O3'"  . G  A 1 4  ? 4.434   6.015   -4.757  1.00 1.45 ? 6  G  A "O3'"  1 
ATOM   107 C "C2'"  . G  A 1 4  ? 2.969   4.870   -3.120  1.00 1.47 ? 6  G  A "C2'"  1 
ATOM   108 O "O2'"  . G  A 1 4  ? 3.751   5.554   -2.100  1.00 2.44 ? 6  G  A "O2'"  1 
ATOM   109 C "C1'"  . G  A 1 4  ? 1.585   5.150   -2.687  1.00 0.89 ? 6  G  A "C1'"  1 
ATOM   110 N N9     . G  A 1 4  ? 0.717   3.995   -2.572  1.00 0.80 ? 6  G  A N9     1 
ATOM   111 C C8     . G  A 1 4  ? -0.367  3.641   -3.322  1.00 0.87 ? 6  G  A C8     1 
ATOM   112 N N7     . G  A 1 4  ? -1.157  2.760   -2.821  1.00 0.87 ? 6  G  A N7     1 
ATOM   113 C C5     . G  A 1 4  ? -0.571  2.489   -1.588  1.00 0.78 ? 6  G  A C5     1 
ATOM   114 C C6     . G  A 1 4  ? -1.036  1.603   -0.585  1.00 0.78 ? 6  G  A C6     1 
ATOM   115 O O6     . G  A 1 4  ? -2.010  0.869   -0.627  1.00 0.85 ? 6  G  A O6     1 
ATOM   116 N N1     . G  A 1 4  ? -0.227  1.611   0.522   1.00 0.73 ? 6  G  A N1     1 
ATOM   117 C C2     . G  A 1 4  ? 0.948   2.379   0.649   1.00 0.69 ? 6  G  A C2     1 
ATOM   118 N N2     . G  A 1 4  ? 1.633   2.268   1.801   1.00 0.70 ? 6  G  A N2     1 
ATOM   119 N N3     . G  A 1 4  ? 1.419   3.205   -0.316  1.00 0.70 ? 6  G  A N3     1 
ATOM   120 C C4     . G  A 1 4  ? 0.636   3.191   -1.404  1.00 0.73 ? 6  G  A C4     1 
ATOM   121 H "H5'"  . G  A 1 4  ? 1.317   8.340   -5.206  1.00 1.12 ? 6  G  A "H5'"  1 
ATOM   122 H "H5''" . G  A 1 4  ? 2.800   7.732   -6.053  1.00 1.08 ? 6  G  A "H5''" 1 
ATOM   123 H "H4'"  . G  A 1 4  ? 2.919   7.478   -3.622  1.00 1.01 ? 6  G  A "H4'"  1 
ATOM   124 H "H3'"  . G  A 1 4  ? 2.677   4.999   -5.265  1.00 1.21 ? 6  G  A "H3'"  1 
ATOM   125 H "H2'"  . G  A 1 4  ? 3.191   3.804   -3.155  1.00 1.82 ? 6  G  A "H2'"  1 
ATOM   126 H "HO2'" . G  A 1 4  ? 3.796   6.456   -2.355  1.00 2.88 ? 6  G  A "HO2'" 1 
ATOM   127 H "H1'"  . G  A 1 4  ? 1.740   5.487   -1.653  1.00 1.18 ? 6  G  A "H1'"  1 
ATOM   128 H H8     . G  A 1 4  ? -0.544  4.041   -4.321  1.00 0.94 ? 6  G  A H8     1 
ATOM   129 H H1     . G  A 1 4  ? -0.483  0.945   1.284   1.00 0.75 ? 6  G  A H1     1 
ATOM   130 H H21    . G  A 1 4  ? 1.326   1.626   2.523   1.00 0.72 ? 6  G  A H21    1 
ATOM   131 H H22    . G  A 1 4  ? 2.471   2.814   1.936   1.00 0.71 ? 6  G  A H22    1 
ATOM   132 P P      . G  A 1 5  ? 5.823   5.291   -4.477  1.00 1.44 ? 7  G  A P      1 
ATOM   133 O OP1    . G  A 1 5  ? 6.139   5.309   -3.024  1.00 1.83 ? 7  G  A OP1    1 
ATOM   134 O OP2    . G  A 1 5  ? 6.774   5.976   -5.394  1.00 2.21 ? 7  G  A OP2    1 
ATOM   135 O "O5'"  . G  A 1 5  ? 5.789   3.798   -5.063  1.00 1.29 ? 7  G  A "O5'"  1 
ATOM   136 C "C5'"  . G  A 1 5  ? 4.866   2.722   -4.835  1.00 1.17 ? 7  G  A "C5'"  1 
ATOM   137 C "C4'"  . G  A 1 5  ? 4.751   2.282   -3.390  1.00 0.92 ? 7  G  A "C4'"  1 
ATOM   138 O "O4'"  . G  A 1 5  ? 3.370   2.277   -2.936  1.00 0.81 ? 7  G  A "O4'"  1 
ATOM   139 C "C3'"  . G  A 1 5  ? 5.321   0.889   -3.205  1.00 0.99 ? 7  G  A "C3'"  1 
ATOM   140 O "O3'"  . G  A 1 5  ? 6.541   0.968   -2.524  1.00 1.34 ? 7  G  A "O3'"  1 
ATOM   141 C "C2'"  . G  A 1 5  ? 4.330   0.156   -2.377  1.00 0.89 ? 7  G  A "C2'"  1 
ATOM   142 O "O2'"  . G  A 1 5  ? 4.732   0.065   -0.999  1.00 1.12 ? 7  G  A "O2'"  1 
ATOM   143 C "C1'"  . G  A 1 5  ? 3.090   0.962   -2.442  1.00 0.83 ? 7  G  A "C1'"  1 
ATOM   144 N N9     . G  A 1 5  ? 1.940   0.230   -2.862  1.00 0.86 ? 7  G  A N9     1 
ATOM   145 C C8     . G  A 1 5  ? 1.017   0.579   -3.771  1.00 0.88 ? 7  G  A C8     1 
ATOM   146 N N7     . G  A 1 5  ? -0.125  0.005   -3.710  1.00 0.91 ? 7  G  A N7     1 
ATOM   147 C C5     . G  A 1 5  ? 0.002   -0.807  -2.576  1.00 0.90 ? 7  G  A C5     1 
ATOM   148 C C6     . G  A 1 5  ? -0.986  -1.644  -1.980  1.00 0.95 ? 7  G  A C6     1 
ATOM   149 O O6     . G  A 1 5  ? -2.130  -1.905  -2.353  1.00 1.00 ? 7  G  A O6     1 
ATOM   150 N N1     . G  A 1 5  ? -0.510  -2.230  -0.865  1.00 0.94 ? 7  G  A N1     1 
ATOM   151 C C2     . G  A 1 5  ? 0.817   -2.050  -0.362  1.00 0.90 ? 7  G  A C2     1 
ATOM   152 N N2     . G  A 1 5  ? 1.170   -2.692  0.738   1.00 0.93 ? 7  G  A N2     1 
ATOM   153 N N3     . G  A 1 5  ? 1.750   -1.289  -0.928  1.00 0.87 ? 7  G  A N3     1 
ATOM   154 C C4     . G  A 1 5  ? 1.297   -0.707  -2.026  1.00 0.87 ? 7  G  A C4     1 
ATOM   155 H "H5'"  . G  A 1 5  ? 5.273   1.883   -5.380  1.00 1.49 ? 7  G  A "H5'"  1 
ATOM   156 H "H5''" . G  A 1 5  ? 3.869   2.970   -5.239  1.00 1.18 ? 7  G  A "H5''" 1 
ATOM   157 H "H4'"  . G  A 1 5  ? 5.327   2.963   -2.761  1.00 1.01 ? 7  G  A "H4'"  1 
ATOM   158 H "H3'"  . G  A 1 5  ? 5.429   0.383   -4.164  1.00 1.19 ? 7  G  A "H3'"  1 
ATOM   159 H "H2'"  . G  A 1 5  ? 4.101   -0.805  -2.791  1.00 1.08 ? 7  G  A "H2'"  1 
ATOM   160 H "HO2'" . G  A 1 5  ? 5.554   0.556   -0.907  1.00 1.18 ? 7  G  A "HO2'" 1 
ATOM   161 H "H1'"  . G  A 1 5  ? 2.893   1.146   -1.378  1.00 0.82 ? 7  G  A "H1'"  1 
ATOM   162 H H8     . G  A 1 5  ? 1.229   1.329   -4.541  1.00 0.88 ? 7  G  A H8     1 
ATOM   163 H H1     . G  A 1 5  ? -1.175  -2.910  -0.396  1.00 0.99 ? 7  G  A H1     1 
ATOM   164 H H21    . G  A 1 5  ? 0.521   -3.319  1.185   1.00 0.97 ? 7  G  A H21    1 
ATOM   165 H H22    . G  A 1 5  ? 2.102   -2.577  1.109   1.00 0.92 ? 7  G  A H22    1 
HETATM 166 P P      . CH A 1 6  ? 7.805   0.188   -3.027  1.00 1.80 ? 8  CH A P      1 
HETATM 167 O OP1    . CH A 1 6  ? 8.994   0.932   -2.528  1.00 2.63 ? 8  CH A OP1    1 
HETATM 168 O OP2    . CH A 1 6  ? 7.664   -0.050  -4.491  1.00 2.30 ? 8  CH A OP2    1 
HETATM 169 O "O5'"  . CH A 1 6  ? 7.622   -1.186  -2.213  1.00 1.62 ? 8  CH A "O5'"  1 
HETATM 170 C "C5'"  . CH A 1 6  ? 8.372   -2.351  -2.412  1.00 1.23 ? 8  CH A "C5'"  1 
HETATM 171 C "C4'"  . CH A 1 6  ? 7.705   -3.461  -1.527  1.00 1.23 ? 8  CH A "C4'"  1 
HETATM 172 O "O4'"  . CH A 1 6  ? 6.291   -3.226  -1.387  1.00 1.18 ? 8  CH A "O4'"  1 
HETATM 173 C "C3'"  . CH A 1 6  ? 7.735   -4.904  -2.096  1.00 1.27 ? 8  CH A "C3'"  1 
HETATM 174 O "O3'"  . CH A 1 6  ? 9.038   -5.495  -2.017  1.00 1.37 ? 8  CH A "O3'"  1 
HETATM 175 C "C2'"  . CH A 1 6  ? 6.724   -5.547  -1.139  1.00 1.26 ? 8  CH A "C2'"  1 
HETATM 176 O "O2'"  . CH A 1 6  ? 7.273   -5.754  0.185   1.00 1.33 ? 8  CH A "O2'"  1 
HETATM 177 C "C1'"  . CH A 1 6  ? 5.714   -4.484  -0.938  1.00 1.19 ? 8  CH A "C1'"  1 
HETATM 178 N N1     . CH A 1 6  ? 4.330   -4.796  -1.442  1.00 1.16 ? 8  CH A N1     1 
HETATM 179 C C2     . CH A 1 6  ? 3.561   -5.605  -0.588  1.00 1.16 ? 8  CH A C2     1 
HETATM 180 O O2     . CH A 1 6  ? 4.063   -6.169  0.382   1.00 1.20 ? 8  CH A O2     1 
HETATM 181 N N3     . CH A 1 6  ? 2.205   -5.737  -0.888  1.00 1.14 ? 8  CH A N3     1 
HETATM 182 C C4     . CH A 1 6  ? 1.616   -5.133  -1.954  1.00 1.13 ? 8  CH A C4     1 
HETATM 183 N N4     . CH A 1 6  ? 0.261   -5.236  -2.201  1.00 1.15 ? 8  CH A N4     1 
HETATM 184 C C5     . CH A 1 6  ? 2.410   -4.328  -2.824  1.00 1.13 ? 8  CH A C5     1 
HETATM 185 C C6     . CH A 1 6  ? 3.757   -4.177  -2.539  1.00 1.15 ? 8  CH A C6     1 
HETATM 186 H "H5'"  . CH A 1 6  ? 9.411   -2.154  -2.121  1.00 1.63 ? 8  CH A "H5'"  1 
HETATM 187 H "H5''" . CH A 1 6  ? 8.331   -2.611  -3.437  1.00 1.43 ? 8  CH A "H5''" 1 
HETATM 188 H "H4'"  . CH A 1 6  ? 8.151   -3.434  -0.463  1.00 1.29 ? 8  CH A "H4'"  1 
HETATM 189 H "H3'"  . CH A 1 6  ? 7.321   -4.943  -3.165  1.00 1.26 ? 8  CH A "H3'"  1 
HETATM 190 H "H2'"  . CH A 1 6  ? 6.198   -6.408  -1.542  1.00 1.28 ? 8  CH A "H2'"  1 
HETATM 191 H "HO2'" . CH A 1 6  ? 6.552   -5.715  0.784   1.00 1.62 ? 8  CH A "HO2'" 1 
HETATM 192 H "H1'"  . CH A 1 6  ? 5.635   -4.420  0.152   1.00 1.18 ? 8  CH A "H1'"  1 
HETATM 193 H HN3    . CH A 1 6  ? 1.618   -6.310  -0.261  1.00 1.16 ? 8  CH A HN3    1 
HETATM 194 H H41    . CH A 1 6  ? -0.097  -4.748  -2.962  1.00 1.47 ? 8  CH A H41    1 
HETATM 195 H H42    . CH A 1 6  ? -0.470  -5.799  -1.663  1.00 1.35 ? 8  CH A H42    1 
HETATM 196 H H5     . CH A 1 6  ? 1.956   -3.901  -3.719  1.00 1.15 ? 8  CH A H5     1 
HETATM 197 H H6     . CH A 1 6  ? 4.380   -3.532  -3.169  1.00 1.16 ? 8  CH A H6     1 
ATOM   198 P P      . G  A 1 7  ? 9.958   -5.675  -3.336  1.00 1.67 ? 9  G  A P      1 
ATOM   199 O OP1    . G  A 1 7  ? 10.328  -7.106  -3.414  1.00 2.01 ? 9  G  A OP1    1 
ATOM   200 O OP2    . G  A 1 7  ? 11.018  -4.643  -3.330  1.00 2.31 ? 9  G  A OP2    1 
ATOM   201 O "O5'"  . G  A 1 7  ? 8.955   -5.338  -4.555  1.00 1.66 ? 9  G  A "O5'"  1 
ATOM   202 C "C5'"  . G  A 1 7  ? 9.162   -4.180  -5.404  1.00 1.92 ? 9  G  A "C5'"  1 
ATOM   203 C "C4'"  . G  A 1 7  ? 9.031   -4.517  -6.880  1.00 1.86 ? 9  G  A "C4'"  1 
ATOM   204 O "O4'"  . G  A 1 7  ? 10.239  -5.124  -7.388  1.00 2.46 ? 9  G  A "O4'"  1 
ATOM   205 C "C3'"  . G  A 1 7  ? 7.898   -5.505  -7.070  1.00 1.54 ? 9  G  A "C3'"  1 
ATOM   206 O "O3'"  . G  A 1 7  ? 6.958   -5.033  -8.056  1.00 1.58 ? 9  G  A "O3'"  1 
ATOM   207 C "C2'"  . G  A 1 7  ? 8.546   -6.786  -7.539  1.00 2.00 ? 9  G  A "C2'"  1 
ATOM   208 O "O2'"  . G  A 1 7  ? 8.140   -7.064  -8.885  1.00 2.20 ? 9  G  A "O2'"  1 
ATOM   209 C "C1'"  . G  A 1 7  ? 10.039  -6.540  -7.492  1.00 2.61 ? 9  G  A "C1'"  1 
ATOM   210 N N9     . G  A 1 7  ? 10.676  -7.227  -6.353  1.00 3.43 ? 9  G  A N9     1 
ATOM   211 C C8     . G  A 1 7  ? 11.717  -6.822  -5.585  1.00 4.16 ? 9  G  A C8     1 
ATOM   212 N N7     . G  A 1 7  ? 12.206  -7.665  -4.741  1.00 5.03 ? 9  G  A N7     1 
ATOM   213 C C5     . G  A 1 7  ? 11.394  -8.783  -4.952  1.00 4.96 ? 9  G  A C5     1 
ATOM   214 C C6     . G  A 1 7  ? 11.425  -10.057 -4.327  1.00 5.89 ? 9  G  A C6     1 
ATOM   215 O O6     . G  A 1 7  ? 12.192  -10.461 -3.457  1.00 6.81 ? 9  G  A O6     1 
ATOM   216 N N1     . G  A 1 7  ? 10.436  -10.896 -4.829  1.00 5.89 ? 9  G  A N1     1 
ATOM   217 C C2     . G  A 1 7  ? 9.527   -10.553 -5.811  1.00 5.17 ? 9  G  A C2     1 
ATOM   218 N N2     . G  A 1 7  ? 8.647   -11.493 -6.154  1.00 5.73 ? 9  G  A N2     1 
ATOM   219 N N3     . G  A 1 7  ? 9.494   -9.355  -6.407  1.00 4.19 ? 9  G  A N3     1 
ATOM   220 C C4     . G  A 1 7  ? 10.449  -8.523  -5.935  1.00 4.07 ? 9  G  A C4     1 
ATOM   221 H "H5'"  . G  A 1 7  ? 10.158  -3.786  -5.254  1.00 2.39 ? 9  G  A "H5'"  1 
ATOM   222 H "H5''" . G  A 1 7  ? 8.418   -3.419  -5.140  1.00 2.38 ? 9  G  A "H5''" 1 
ATOM   223 H "H4'"  . G  A 1 7  ? 8.817   -3.608  -7.444  1.00 2.24 ? 9  G  A "H4'"  1 
ATOM   224 H "H3'"  . G  A 1 7  ? 7.409   -5.661  -6.110  1.00 1.82 ? 9  G  A "H3'"  1 
ATOM   225 H "H2'"  . G  A 1 7  ? 8.288   -7.638  -6.908  1.00 2.43 ? 9  G  A "H2'"  1 
ATOM   226 H "HO2'" . G  A 1 7  ? 7.181   -7.042  -8.903  1.00 2.13 ? 9  G  A "HO2'" 1 
ATOM   227 H "H1'"  . G  A 1 7  ? 10.490  -6.941  -8.402  1.00 3.06 ? 9  G  A "H1'"  1 
ATOM   228 H H8     . G  A 1 7  ? 12.127  -5.817  -5.679  1.00 4.25 ? 9  G  A H8     1 
ATOM   229 H H1     . G  A 1 7  ? 10.398  -11.823 -4.432  1.00 6.65 ? 9  G  A H1     1 
ATOM   230 H H21    . G  A 1 7  ? 8.674   -12.398 -5.707  1.00 5.99 ? 9  G  A H21    1 
ATOM   231 H H22    . G  A 1 7  ? 7.953   -11.300 -6.862  1.00 6.12 ? 9  G  A H22    1 
ATOM   232 P P      . C  A 1 8  ? 5.665   -4.153  -7.644  1.00 1.60 ? 10 C  A P      1 
ATOM   233 O OP1    . C  A 1 8  ? 5.849   -2.778  -8.192  1.00 2.30 ? 10 C  A OP1    1 
ATOM   234 O OP2    . C  A 1 8  ? 5.427   -4.322  -6.180  1.00 2.39 ? 10 C  A OP2    1 
ATOM   235 O "O5'"  . C  A 1 8  ? 4.390   -4.809  -8.396  1.00 1.39 ? 10 C  A "O5'"  1 
ATOM   236 C "C5'"  . C  A 1 8  ? 4.289   -5.115  -9.800  1.00 1.33 ? 10 C  A "C5'"  1 
ATOM   237 C "C4'"  . C  A 1 8  ? 3.205   -6.197  -9.957  1.00 1.30 ? 10 C  A "C4'"  1 
ATOM   238 O "O4'"  . C  A 1 8  ? 3.724   -7.368  -9.392  1.00 1.33 ? 10 C  A "O4'"  1 
ATOM   239 C "C3'"  . C  A 1 8  ? 1.831   -5.956  -9.246  1.00 1.30 ? 10 C  A "C3'"  1 
ATOM   240 O "O3'"  . C  A 1 8  ? 0.962   -5.106  -9.968  1.00 1.36 ? 10 C  A "O3'"  1 
ATOM   241 C "C2'"  . C  A 1 8  ? 1.367   -7.392  -9.116  1.00 1.40 ? 10 C  A "C2'"  1 
ATOM   242 O "O2'"  . C  A 1 8  ? 0.891   -7.913  -10.369 1.00 1.51 ? 10 C  A "O2'"  1 
ATOM   243 C "C1'"  . C  A 1 8  ? 2.660   -8.094  -8.756  1.00 1.38 ? 10 C  A "C1'"  1 
ATOM   244 N N1     . C  A 1 8  ? 2.992   -8.345  -7.304  1.00 1.48 ? 10 C  A N1     1 
ATOM   245 C C2     . C  A 1 8  ? 2.339   -9.408  -6.676  1.00 1.37 ? 10 C  A C2     1 
ATOM   246 O O2     . C  A 1 8  ? 1.357   -9.949  -7.203  1.00 1.29 ? 10 C  A O2     1 
ATOM   247 N N3     . C  A 1 8  ? 2.842   -9.852  -5.480  1.00 1.56 ? 10 C  A N3     1 
ATOM   248 C C4     . C  A 1 8  ? 3.922   -9.280  -4.911  1.00 1.96 ? 10 C  A C4     1 
ATOM   249 N N4     . C  A 1 8  ? 4.413   -9.746  -3.767  1.00 2.27 ? 10 C  A N4     1 
ATOM   250 C C5     . C  A 1 8  ? 4.567   -8.195  -5.526  1.00 2.15 ? 10 C  A C5     1 
ATOM   251 C C6     . C  A 1 8  ? 4.097   -7.755  -6.678  1.00 1.86 ? 10 C  A C6     1 
ATOM   252 H "H5'"  . C  A 1 8  ? 5.227   -5.491  -10.159 1.00 1.75 ? 10 C  A "H5'"  1 
ATOM   253 H "H5''" . C  A 1 8  ? 4.073   -4.262  -10.408 1.00 1.62 ? 10 C  A "H5''" 1 
ATOM   254 H "H4'"  . C  A 1 8  ? 2.990   -6.398  -11.021 1.00 1.37 ? 10 C  A "H4'"  1 
ATOM   255 H "H3'"  . C  A 1 8  ? 1.929   -5.646  -8.218  1.00 1.28 ? 10 C  A "H3'"  1 
ATOM   256 H "H2'"  . C  A 1 8  ? 0.641   -7.549  -8.311  1.00 1.45 ? 10 C  A "H2'"  1 
ATOM   257 H "HO2'" . C  A 1 8  ? 0.887   -7.202  -11.021 1.00 1.81 ? 10 C  A "HO2'" 1 
ATOM   258 H "H1'"  . C  A 1 8  ? 2.669   -9.079  -9.230  1.00 1.44 ? 10 C  A "H1'"  1 
ATOM   259 H H41    . C  A 1 8  ? 3.970   -10.539 -3.301  1.00 2.15 ? 10 C  A H41    1 
ATOM   260 H H42    . C  A 1 8  ? 5.235   -9.316  -3.365  1.00 2.66 ? 10 C  A H42    1 
ATOM   261 H H5     . C  A 1 8  ? 5.399   -7.668  -5.061  1.00 2.55 ? 10 C  A H5     1 
ATOM   262 H H6     . C  A 1 8  ? 4.667   -6.982  -7.142  1.00 2.02 ? 10 C  A H6     1 
ATOM   263 P P      . C  A 1 9  ? -0.078  -4.257  -9.144  1.00 1.76 ? 11 C  A P      1 
ATOM   264 O OP1    . C  A 1 9  ? -0.019  -2.860  -9.654  1.00 2.42 ? 11 C  A OP1    1 
ATOM   265 O OP2    . C  A 1 9  ? 0.154   -4.519  -7.696  1.00 2.45 ? 11 C  A OP2    1 
ATOM   266 O "O5'"  . C  A 1 9  ? -1.378  -4.919  -9.771  1.00 1.52 ? 11 C  A "O5'"  1 
ATOM   267 C "C5'"  . C  A 1 9  ? -2.685  -5.128  -9.340  1.00 1.44 ? 11 C  A "C5'"  1 
ATOM   268 C "C4'"  . C  A 1 9  ? -2.896  -6.262  -8.278  1.00 1.45 ? 11 C  A "C4'"  1 
ATOM   269 O "O4'"  . C  A 1 9  ? -1.704  -6.641  -7.628  1.00 1.41 ? 11 C  A "O4'"  1 
ATOM   270 C "C3'"  . C  A 1 9  ? -3.836  -5.927  -7.118  1.00 1.42 ? 11 C  A "C3'"  1 
ATOM   271 O "O3'"  . C  A 1 9  ? -5.179  -5.959  -7.540  1.00 1.57 ? 11 C  A "O3'"  1 
ATOM   272 C "C2'"  . C  A 1 9  ? -3.535  -7.064  -6.160  1.00 1.44 ? 11 C  A "C2'"  1 
ATOM   273 O "O2'"  . C  A 1 9  ? -4.349  -8.184  -6.530  1.00 1.64 ? 11 C  A "O2'"  1 
ATOM   274 C "C1'"  . C  A 1 9  ? -2.096  -7.372  -6.457  1.00 1.41 ? 11 C  A "C1'"  1 
ATOM   275 N N1     . C  A 1 9  ? -1.099  -7.235  -5.386  1.00 1.34 ? 11 C  A N1     1 
ATOM   276 C C2     . C  A 1 9  ? -1.133  -8.206  -4.390  1.00 1.36 ? 11 C  A C2     1 
ATOM   277 O O2     . C  A 1 9  ? -2.071  -8.966  -4.265  1.00 1.41 ? 11 C  A O2     1 
ATOM   278 N N3     . C  A 1 9  ? -0.097  -8.312  -3.569  1.00 1.33 ? 11 C  A N3     1 
ATOM   279 C C4     . C  A 1 9  ? 0.936   -7.550  -3.666  1.00 1.29 ? 11 C  A C4     1 
ATOM   280 N N4     . C  A 1 9  ? 1.884   -7.772  -2.815  1.00 1.29 ? 11 C  A N4     1 
ATOM   281 C C5     . C  A 1 9  ? 1.029   -6.525  -4.656  1.00 1.27 ? 11 C  A C5     1 
ATOM   282 C C6     . C  A 1 9  ? -0.005  -6.391  -5.510  1.00 1.30 ? 11 C  A C6     1 
ATOM   283 H "H5'"  . C  A 1 9  ? -3.148  -5.428  -10.309 1.00 1.99 ? 11 C  A "H5'"  1 
ATOM   284 H "H5''" . C  A 1 9  ? -3.150  -4.271  -9.100  1.00 1.66 ? 11 C  A "H5''" 1 
ATOM   285 H "H4'"  . C  A 1 9  ? -3.295  -7.153  -8.796  1.00 1.59 ? 11 C  A "H4'"  1 
ATOM   286 H "H3'"  . C  A 1 9  ? -3.588  -4.976  -6.634  1.00 1.38 ? 11 C  A "H3'"  1 
ATOM   287 H "H2'"  . C  A 1 9  ? -3.673  -6.801  -5.112  1.00 1.41 ? 11 C  A "H2'"  1 
ATOM   288 H "HO2'" . C  A 1 9  ? -4.302  -8.844  -5.824  1.00 1.89 ? 11 C  A "HO2'" 1 
ATOM   289 H "H1'"  . C  A 1 9  ? -2.060  -8.423  -6.760  1.00 1.46 ? 11 C  A "H1'"  1 
ATOM   290 H H41    . C  A 1 9  ? 1.791   -8.527  -2.131  1.00 1.31 ? 11 C  A H41    1 
ATOM   291 H H42    . C  A 1 9  ? 2.672   -7.250  -2.824  1.00 1.27 ? 11 C  A H42    1 
ATOM   292 H H5     . C  A 1 9  ? 1.845   -5.806  -4.662  1.00 1.25 ? 11 C  A H5     1 
ATOM   293 H H6     . C  A 1 9  ? -0.024  -5.498  -6.144  1.00 1.28 ? 11 C  A H6     1 
ATOM   294 P P      . G  A 1 10 ? -6.145  -4.739  -7.190  1.00 1.68 ? 12 G  A P      1 
ATOM   295 O OP1    . G  A 1 10 ? -7.298  -4.798  -8.125  1.00 2.16 ? 12 G  A OP1    1 
ATOM   296 O OP2    . G  A 1 10 ? -5.348  -3.491  -7.101  1.00 1.73 ? 12 G  A OP2    1 
ATOM   297 O "O5'"  . G  A 1 10 ? -6.582  -5.095  -5.688  1.00 1.69 ? 12 G  A "O5'"  1 
ATOM   298 C "C5'"  . G  A 1 10 ? -7.800  -5.749  -5.356  1.00 1.56 ? 12 G  A "C5'"  1 
ATOM   299 C "C4'"  . G  A 1 10 ? -7.661  -6.494  -3.928  1.00 1.55 ? 12 G  A "C4'"  1 
ATOM   300 O "O4'"  . G  A 1 10 ? -6.322  -7.048  -3.720  1.00 1.52 ? 12 G  A "O4'"  1 
ATOM   301 C "C3'"  . G  A 1 10 ? -7.939  -5.678  -2.607  1.00 1.50 ? 12 G  A "C3'"  1 
ATOM   302 O "O3'"  . G  A 1 10 ? -9.336  -5.612  -2.314  1.00 1.58 ? 12 G  A "O3'"  1 
ATOM   303 C "C2'"  . G  A 1 10 ? -7.246  -6.505  -1.592  1.00 1.51 ? 12 G  A "C2'"  1 
ATOM   304 O "O2'"  . G  A 1 10 ? -8.054  -7.617  -1.191  1.00 1.62 ? 12 G  A "O2'"  1 
ATOM   305 C "C1'"  . G  A 1 10 ? -6.041  -7.055  -2.279  1.00 1.49 ? 12 G  A "C1'"  1 
ATOM   306 N N9     . G  A 1 10 ? -4.699  -6.554  -1.936  1.00 1.39 ? 12 G  A N9     1 
ATOM   307 C C8     . G  A 1 10 ? -3.809  -5.825  -2.639  1.00 1.32 ? 12 G  A C8     1 
ATOM   308 N N7     . G  A 1 10 ? -2.556  -5.814  -2.241  1.00 1.27 ? 12 G  A N7     1 
ATOM   309 C C5     . G  A 1 10 ? -2.618  -6.630  -1.137  1.00 1.29 ? 12 G  A C5     1 
ATOM   310 C C6     . G  A 1 10 ? -1.589  -6.993  -0.288  1.00 1.26 ? 12 G  A C6     1 
ATOM   311 O O6     . G  A 1 10 ? -0.446  -6.655  -0.377  1.00 1.21 ? 12 G  A O6     1 
ATOM   312 N N1     . G  A 1 10 ? -2.007  -7.820  0.735   1.00 1.31 ? 12 G  A N1     1 
ATOM   313 C C2     . G  A 1 10 ? -3.309  -8.266  0.912   1.00 1.38 ? 12 G  A C2     1 
ATOM   314 N N2     . G  A 1 10 ? -3.544  -9.069  1.977   1.00 1.43 ? 12 G  A N2     1 
ATOM   315 N N3     . G  A 1 10 ? -4.314  -7.916  0.078   1.00 1.41 ? 12 G  A N3     1 
ATOM   316 C C4     . G  A 1 10 ? -3.902  -7.091  -0.928  1.00 1.36 ? 12 G  A C4     1 
ATOM   317 H "H5'"  . G  A 1 10 ? -8.022  -6.504  -6.117  1.00 1.94 ? 12 G  A "H5'"  1 
ATOM   318 H "H5''" . G  A 1 10 ? -8.624  -5.016  -5.419  1.00 1.90 ? 12 G  A "H5''" 1 
ATOM   319 H "H4'"  . G  A 1 10 ? -8.362  -7.339  -3.916  1.00 1.67 ? 12 G  A "H4'"  1 
ATOM   320 H "H3'"  . G  A 1 10 ? -7.444  -4.680  -2.515  1.00 1.46 ? 12 G  A "H3'"  1 
ATOM   321 H "H2'"  . G  A 1 10 ? -6.992  -5.906  -0.772  1.00 1.46 ? 12 G  A "H2'"  1 
ATOM   322 H "HO2'" . G  A 1 10 ? -8.697  -7.735  -1.872  1.00 1.91 ? 12 G  A "HO2'" 1 
ATOM   323 H "H1'"  . G  A 1 10 ? -6.006  -8.073  -1.934  1.00 1.55 ? 12 G  A "H1'"  1 
ATOM   324 H H8     . G  A 1 10 ? -4.113  -5.377  -3.572  1.00 1.34 ? 12 G  A H8     1 
ATOM   325 H H1     . G  A 1 10 ? -1.274  -8.086  1.418   1.00 1.30 ? 12 G  A H1     1 
ATOM   326 H H21    . G  A 1 10 ? -2.788  -9.313  2.615   1.00 1.42 ? 12 G  A H21    1 
ATOM   327 H H22    . G  A 1 10 ? -4.478  -9.411  2.148   1.00 1.50 ? 12 G  A H22    1 
ATOM   328 P P      . A  A 1 11 ? -9.873  -4.744  -1.069  1.00 1.79 ? 13 A  A P      1 
ATOM   329 O OP1    . A  A 1 11 ? -11.344 -4.901  -0.999  1.00 2.43 ? 13 A  A OP1    1 
ATOM   330 O OP2    . A  A 1 11 ? -9.284  -3.391  -1.169  1.00 2.23 ? 13 A  A OP2    1 
ATOM   331 O "O5'"  . A  A 1 11 ? -9.227  -5.487  0.216   1.00 1.61 ? 13 A  A "O5'"  1 
ATOM   332 C "C5'"  . A  A 1 11 ? -9.204  -4.834  1.490   1.00 1.59 ? 13 A  A "C5'"  1 
ATOM   333 C "C4'"  . A  A 1 11 ? -8.969  -5.822  2.638   1.00 1.64 ? 13 A  A "C4'"  1 
ATOM   334 O "O4'"  . A  A 1 11 ? -10.158 -6.602  2.902   1.00 2.37 ? 13 A  A "O4'"  1 
ATOM   335 C "C3'"  . A  A 1 11 ? -7.864  -6.836  2.309   1.00 1.80 ? 13 A  A "C3'"  1 
ATOM   336 O "O3'"  . A  A 1 11 ? -6.709  -6.643  3.136   1.00 1.72 ? 13 A  A "O3'"  1 
ATOM   337 C "C2'"  . A  A 1 11 ? -8.477  -8.204  2.565   1.00 2.58 ? 13 A  A "C2'"  1 
ATOM   338 O "O2'"  . A  A 1 11 ? -7.588  -9.069  3.281   1.00 3.07 ? 13 A  A "O2'"  1 
ATOM   339 C "C1'"  . A  A 1 11 ? -9.727  -7.893  3.358   1.00 2.83 ? 13 A  A "C1'"  1 
ATOM   340 N N9     . A  A 1 11 ? -10.765 -8.925  3.183   1.00 3.64 ? 13 A  A N9     1 
ATOM   341 C C8     . A  A 1 11 ? -11.765 -9.003  2.269   1.00 3.87 ? 13 A  A C8     1 
ATOM   342 N N7     . A  A 1 11 ? -12.551 -10.026 2.332   1.00 4.70 ? 13 A  A N7     1 
ATOM   343 C C5     . A  A 1 11 ? -12.018 -10.725 3.420   1.00 5.12 ? 13 A  A C5     1 
ATOM   344 C C6     . A  A 1 11 ? -12.376 -11.926 4.042   1.00 6.11 ? 13 A  A C6     1 
ATOM   345 N N6     . A  A 1 11 ? -13.405 -12.674 3.645   1.00 6.80 ? 13 A  A N6     1 
ATOM   346 N N1     . A  A 1 11 ? -11.634 -12.325 5.091   1.00 6.42 ? 13 A  A N1     1 
ATOM   347 C C2     . A  A 1 11 ? -10.600 -11.591 5.504   1.00 5.79 ? 13 A  A C2     1 
ATOM   348 N N3     . A  A 1 11 ? -10.174 -10.441 4.990   1.00 4.80 ? 13 A  A N3     1 
ATOM   349 C C4     . A  A 1 11 ? -10.932 -10.062 3.943   1.00 4.51 ? 13 A  A C4     1 
ATOM   350 H "H5'"  . A  A 1 11 ? -10.160 -4.332  1.641   1.00 1.97 ? 13 A  A "H5'"  1 
ATOM   351 H "H5''" . A  A 1 11 ? -8.413  -4.082  1.498   1.00 1.81 ? 13 A  A "H5''" 1 
ATOM   352 H "H4'"  . A  A 1 11 ? -8.693  -5.267  3.550   1.00 1.80 ? 13 A  A "H4'"  1 
ATOM   353 H "H3'"  . A  A 1 11 ? -7.589  -6.756  1.254   1.00 2.06 ? 13 A  A "H3'"  1 
ATOM   354 H "H2'"  . A  A 1 11 ? -8.764  -8.643  1.596   1.00 2.94 ? 13 A  A "H2'"  1 
ATOM   355 H "HO2'" . A  A 1 11 ? -6.938  -8.514  3.716   1.00 3.25 ? 13 A  A "HO2'" 1 
ATOM   356 H "H1'"  . A  A 1 11 ? -9.481  -7.774  4.407   1.00 3.11 ? 13 A  A "H1'"  1 
ATOM   357 H H8     . A  A 1 11 ? -11.899 -8.235  1.509   1.00 3.52 ? 13 A  A H8     1 
ATOM   358 H H61    . A  A 1 11 ? -13.622 -13.533 4.129   1.00 6.98 ? 13 A  A H61    1 
ATOM   359 H H62    . A  A 1 11 ? -13.969 -12.381 2.858   1.00 7.26 ? 13 A  A H62    1 
ATOM   360 H H2     . A  A 1 11 ? -10.044 -11.975 6.360   1.00 6.16 ? 13 A  A H2     1 
ATOM   361 P P      . C  A 1 12 ? -6.839  -6.675  4.741   1.00 1.62 ? 14 C  A P      1 
ATOM   362 O OP1    . C  A 1 12 ? -7.753  -7.781  5.133   1.00 2.01 ? 14 C  A OP1    1 
ATOM   363 O OP2    . C  A 1 12 ? -7.162  -5.291  5.186   1.00 2.24 ? 14 C  A OP2    1 
ATOM   364 O "O5'"  . C  A 1 12 ? -5.353  -7.014  5.283   1.00 1.57 ? 14 C  A "O5'"  1 
ATOM   365 C "C5'"  . C  A 1 12 ? -4.585  -8.163  4.872   1.00 1.47 ? 14 C  A "C5'"  1 
ATOM   366 C "C4'"  . C  A 1 12 ? -3.091  -7.831  4.792   1.00 1.38 ? 14 C  A "C4'"  1 
ATOM   367 O "O4'"  . C  A 1 12 ? -2.676  -7.695  3.430   1.00 1.34 ? 14 C  A "O4'"  1 
ATOM   368 C "C3'"  . C  A 1 12 ? -2.684  -6.533  5.486   1.00 1.28 ? 14 C  A "C3'"  1 
ATOM   369 O "O3'"  . C  A 1 12 ? -2.169  -6.730  6.803   1.00 1.32 ? 14 C  A "O3'"  1 
ATOM   370 C "C2'"  . C  A 1 12 ? -1.617  -5.941  4.586   1.00 1.20 ? 14 C  A "C2'"  1 
ATOM   371 O "O2'"  . C  A 1 12 ? -0.357  -6.450  5.019   1.00 1.23 ? 14 C  A "O2'"  1 
ATOM   372 C "C1'"  . C  A 1 12 ? -1.856  -6.511  3.267   1.00 1.23 ? 14 C  A "C1'"  1 
ATOM   373 N N1     . C  A 1 12 ? -2.481  -5.636  2.312   1.00 1.18 ? 14 C  A N1     1 
ATOM   374 C C2     . C  A 1 12 ? -1.684  -4.753  1.655   1.00 1.10 ? 14 C  A C2     1 
ATOM   375 O O2     . C  A 1 12 ? -0.557  -4.526  2.059   1.00 1.06 ? 14 C  A O2     1 
ATOM   376 N N3     . C  A 1 12 ? -2.186  -4.156  0.561   1.00 1.08 ? 14 C  A N3     1 
ATOM   377 C C4     . C  A 1 12 ? -3.397  -4.401  0.143   1.00 1.14 ? 14 C  A C4     1 
ATOM   378 N N4     . C  A 1 12 ? -3.806  -3.806  -0.956  1.00 1.14 ? 14 C  A N4     1 
ATOM   379 C C5     . C  A 1 12 ? -4.229  -5.300  0.849   1.00 1.23 ? 14 C  A C5     1 
ATOM   380 C C6     . C  A 1 12 ? -3.734  -5.886  1.914   1.00 1.25 ? 14 C  A C6     1 
ATOM   381 H "H5'"  . C  A 1 12 ? -4.921  -8.516  3.900   1.00 1.56 ? 14 C  A "H5'"  1 
ATOM   382 H "H5''" . C  A 1 12 ? -4.723  -8.987  5.580   1.00 1.53 ? 14 C  A "H5''" 1 
ATOM   383 H "H4'"  . C  A 1 12 ? -2.538  -8.658  5.244   1.00 1.43 ? 14 C  A "H4'"  1 
ATOM   384 H "H3'"  . C  A 1 12 ? -3.544  -5.863  5.505   1.00 1.25 ? 14 C  A "H3'"  1 
ATOM   385 H "H2'"  . C  A 1 12 ? -1.611  -4.870  4.526   1.00 1.16 ? 14 C  A "H2'"  1 
ATOM   386 H "HO2'" . C  A 1 12 ? 0.305   -5.950  4.575   1.00 1.27 ? 14 C  A "HO2'" 1 
ATOM   387 H "H1'"  . C  A 1 12 ? -0.890  -6.819  2.823   1.00 1.23 ? 14 C  A "H1'"  1 
ATOM   388 H H41    . C  A 1 12 ? -3.165  -3.183  -1.443  1.00 1.08 ? 14 C  A H41    1 
ATOM   389 H H42    . C  A 1 12 ? -4.720  -3.974  -1.312  1.00 1.20 ? 14 C  A H42    1 
ATOM   390 H H5     . C  A 1 12 ? -5.211  -5.511  0.540   1.00 1.30 ? 14 C  A H5     1 
ATOM   391 H H6     . C  A 1 12 ? -4.354  -6.528  2.501   1.00 1.32 ? 14 C  A H6     1 
ATOM   392 P P      . C  A 1 13 ? -2.492  -5.640  7.918   1.00 1.27 ? 15 C  A P      1 
ATOM   393 O OP1    . C  A 1 13 ? -1.982  -6.125  9.225   1.00 1.75 ? 15 C  A OP1    1 
ATOM   394 O OP2    . C  A 1 13 ? -3.934  -5.305  7.808   1.00 1.45 ? 15 C  A OP2    1 
ATOM   395 O "O5'"  . C  A 1 13 ? -1.606  -4.360  7.483   1.00 1.15 ? 15 C  A "O5'"  1 
ATOM   396 C "C5'"  . C  A 1 13 ? -0.516  -3.977  8.329   1.00 1.20 ? 15 C  A "C5'"  1 
ATOM   397 C "C4'"  . C  A 1 13 ? 0.404   -2.885  7.752   1.00 1.08 ? 15 C  A "C4'"  1 
ATOM   398 O "O4'"  . C  A 1 13 ? 0.416   -2.859  6.324   1.00 1.02 ? 15 C  A "O4'"  1 
ATOM   399 C "C3'"  . C  A 1 13 ? 0.067   -1.468  8.189   1.00 1.04 ? 15 C  A "C3'"  1 
ATOM   400 O "O3'"  . C  A 1 13 ? 0.630   -1.173  9.452   1.00 1.14 ? 15 C  A "O3'"  1 
ATOM   401 C "C2'"  . C  A 1 13 ? 0.736   -0.669  7.121   1.00 0.96 ? 15 C  A "C2'"  1 
ATOM   402 O "O2'"  . C  A 1 13 ? 2.092   -0.684  7.466   1.00 0.98 ? 15 C  A "O2'"  1 
ATOM   403 C "C1'"  . C  A 1 13 ? 0.610   -1.472  5.874   1.00 0.94 ? 15 C  A "C1'"  1 
ATOM   404 N N1     . C  A 1 13 ? -0.447  -1.141  4.876   1.00 0.90 ? 15 C  A N1     1 
ATOM   405 C C2     . C  A 1 13 ? -0.106  -0.229  3.847   1.00 0.83 ? 15 C  A C2     1 
ATOM   406 O O2     . C  A 1 13 ? 0.885   0.511   3.933   1.00 0.79 ? 15 C  A O2     1 
ATOM   407 N N3     . C  A 1 13 ? -0.902  -0.179  2.746   1.00 0.82 ? 15 C  A N3     1 
ATOM   408 C C4     . C  A 1 13 ? -1.977  -0.947  2.641   1.00 0.90 ? 15 C  A C4     1 
ATOM   409 N N4     . C  A 1 13 ? -2.714  -0.887  1.561   1.00 0.93 ? 15 C  A N4     1 
ATOM   410 C C5     . C  A 1 13 ? -2.366  -1.844  3.666   1.00 0.97 ? 15 C  A C5     1 
ATOM   411 C C6     . C  A 1 13 ? -1.615  -1.919  4.765   1.00 0.96 ? 15 C  A C6     1 
ATOM   412 H "H5'"  . C  A 1 13 ? 0.087   -4.865  8.543   1.00 1.59 ? 15 C  A "H5'"  1 
ATOM   413 H "H5''" . C  A 1 13 ? -0.891  -3.657  9.247   1.00 1.32 ? 15 C  A "H5''" 1 
ATOM   414 H "H4'"  . C  A 1 13 ? 1.410   -3.115  8.098   1.00 1.14 ? 15 C  A "H4'"  1 
ATOM   415 H "H3'"  . C  A 1 13 ? -0.977  -1.249  8.171   1.00 1.10 ? 15 C  A "H3'"  1 
ATOM   416 H "H2'"  . C  A 1 13 ? 0.352   0.343   7.014   1.00 1.00 ? 15 C  A "H2'"  1 
ATOM   417 H "HO2'" . C  A 1 13 ? 2.435   0.123   7.256   1.00 1.06 ? 15 C  A "HO2'" 1 
ATOM   418 H "H1'"  . C  A 1 13 ? 1.640   -1.427  5.343   1.00 0.95 ? 15 C  A "H1'"  1 
ATOM   419 H H41    . C  A 1 13 ? -2.462  -0.267  0.789   1.00 0.89 ? 15 C  A H41    1 
ATOM   420 H H42    . C  A 1 13 ? -3.512  -1.462  1.494   1.00 1.01 ? 15 C  A H42    1 
ATOM   421 H H5     . C  A 1 13 ? -3.264  -2.447  3.557   1.00 1.04 ? 15 C  A H5     1 
ATOM   422 H H6     . C  A 1 13 ? -1.937  -2.614  5.572   1.00 1.03 ? 15 C  A H6     1 
ATOM   423 P P      . A  A 1 14 ? 0.456   0.265   10.094  1.00 1.41 ? 16 A  A P      1 
ATOM   424 O OP1    . A  A 1 14 ? 1.585   0.452   11.043  1.00 2.05 ? 16 A  A OP1    1 
ATOM   425 O OP2    . A  A 1 14 ? -0.929  0.391   10.620  1.00 1.88 ? 16 A  A OP2    1 
ATOM   426 O "O5'"  . A  A 1 14 ? 0.653   1.274   8.861   1.00 1.24 ? 16 A  A "O5'"  1 
ATOM   427 C "C5'"  . A  A 1 14 ? 1.421   2.430   9.106   1.00 0.95 ? 16 A  A "C5'"  1 
ATOM   428 C "C4'"  . A  A 1 14 ? 1.419   3.453   7.973   1.00 0.89 ? 16 A  A "C4'"  1 
ATOM   429 O "O4'"  . A  A 1 14 ? 1.246   2.834   6.709   1.00 0.85 ? 16 A  A "O4'"  1 
ATOM   430 C "C3'"  . A  A 1 14 ? 0.351   4.534   8.070   1.00 0.90 ? 16 A  A "C3'"  1 
ATOM   431 O "O3'"  . A  A 1 14 ? 0.751   5.576   8.916   1.00 1.06 ? 16 A  A "O3'"  1 
ATOM   432 C "C2'"  . A  A 1 14 ? 0.288   5.010   6.618   1.00 0.84 ? 16 A  A "C2'"  1 
ATOM   433 O "O2'"  . A  A 1 14 ? 1.357   5.907   6.276   1.00 0.97 ? 16 A  A "O2'"  1 
ATOM   434 C "C1'"  . A  A 1 14 ? 0.513   3.780   5.888   1.00 0.81 ? 16 A  A "C1'"  1 
ATOM   435 N N9     . A  A 1 14 ? -0.684  3.346   5.206   1.00 0.76 ? 16 A  A N9     1 
ATOM   436 C C8     . A  A 1 14 ? -1.389  2.191   5.397   1.00 0.78 ? 16 A  A C8     1 
ATOM   437 N N7     . A  A 1 14 ? -2.155  1.809   4.457   1.00 0.78 ? 16 A  A N7     1 
ATOM   438 C C5     . A  A 1 14 ? -1.962  2.797   3.489   1.00 0.71 ? 16 A  A C5     1 
ATOM   439 C C6     . A  A 1 14 ? -2.473  2.895   2.211   1.00 0.70 ? 16 A  A C6     1 
ATOM   440 N N6     . A  A 1 14 ? -3.333  2.034   1.703   1.00 0.77 ? 16 A  A N6     1 
ATOM   441 N N1     . A  A 1 14 ? -2.081  3.901   1.478   1.00 0.65 ? 16 A  A N1     1 
ATOM   442 C C2     . A  A 1 14 ? -1.222  4.822   1.962   1.00 0.64 ? 16 A  A C2     1 
ATOM   443 N N3     . A  A 1 14 ? -0.659  4.858   3.188   1.00 0.67 ? 16 A  A N3     1 
ATOM   444 C C4     . A  A 1 14 ? -1.068  3.806   3.912   1.00 0.70 ? 16 A  A C4     1 
ATOM   445 H "H5'"  . A  A 1 14 ? 2.452   2.128   9.327   1.00 1.36 ? 16 A  A "H5'"  1 
ATOM   446 H "H5''" . A  A 1 14 ? 1.072   2.871   9.946   1.00 1.25 ? 16 A  A "H5''" 1 
ATOM   447 H "H4'"  . A  A 1 14 ? 2.387   3.927   7.997   1.00 0.96 ? 16 A  A "H4'"  1 
ATOM   448 H "H3'"  . A  A 1 14 ? -0.613  4.121   8.386   1.00 0.93 ? 16 A  A "H3'"  1 
ATOM   449 H "H2'"  . A  A 1 14 ? -0.685  5.354   6.227   1.00 0.82 ? 16 A  A "H2'"  1 
ATOM   450 H "HO2'" . A  A 1 14 ? 2.020   5.839   6.961   1.00 1.15 ? 16 A  A "HO2'" 1 
ATOM   451 H "H1'"  . A  A 1 14 ? 1.257   4.050   5.089   1.00 0.85 ? 16 A  A "H1'"  1 
ATOM   452 H H8     . A  A 1 14 ? -1.371  1.639   6.366   1.00 0.83 ? 16 A  A H8     1 
ATOM   453 H H61    . A  A 1 14 ? -3.715  2.190   0.753   1.00 0.79 ? 16 A  A H61    1 
ATOM   454 H H62    . A  A 1 14 ? -3.638  1.238   2.246   1.00 0.83 ? 16 A  A H62    1 
ATOM   455 H H2     . A  A 1 14 ? -0.971  5.650   1.293   1.00 0.63 ? 16 A  A H2     1 
ATOM   456 P P      . C  A 1 15 ? -0.356  6.423   9.685   1.00 1.30 ? 17 C  A P      1 
ATOM   457 O OP1    . C  A 1 15 ? 0.356   7.483   10.441  1.00 1.94 ? 17 C  A OP1    1 
ATOM   458 O OP2    . C  A 1 15 ? -1.264  5.504   10.414  1.00 1.33 ? 17 C  A OP2    1 
ATOM   459 O "O5'"  . C  A 1 15 ? -1.218  7.032   8.471   1.00 1.24 ? 17 C  A "O5'"  1 
ATOM   460 C "C5'"  . C  A 1 15 ? -0.830  8.200   7.784   1.00 0.92 ? 17 C  A "C5'"  1 
ATOM   461 C "C4'"  . C  A 1 15 ? -1.541  8.331   6.398   1.00 0.79 ? 17 C  A "C4'"  1 
ATOM   462 O "O4'"  . C  A 1 15 ? -1.730  7.063   5.750   1.00 0.68 ? 17 C  A "O4'"  1 
ATOM   463 C "C3'"  . C  A 1 15 ? -2.934  8.934   6.439   1.00 0.81 ? 17 C  A "C3'"  1 
ATOM   464 O "O3'"  . C  A 1 15 ? -2.926  10.356  6.554   1.00 0.99 ? 17 C  A "O3'"  1 
ATOM   465 C "C2'"  . C  A 1 15 ? -3.528  8.499   5.117   1.00 0.71 ? 17 C  A "C2'"  1 
ATOM   466 O "O2'"  . C  A 1 15 ? -3.124  9.430   4.092   1.00 0.77 ? 17 C  A "O2'"  1 
ATOM   467 C "C1'"  . C  A 1 15 ? -2.858  7.208   4.827   1.00 0.63 ? 17 C  A "C1'"  1 
ATOM   468 N N1     . C  A 1 15 ? -3.693  6.017   4.742   1.00 0.63 ? 17 C  A N1     1 
ATOM   469 C C2     . C  A 1 15 ? -4.382  5.912   3.577   1.00 0.64 ? 17 C  A C2     1 
ATOM   470 O O2     . C  A 1 15 ? -4.455  6.874   2.853   1.00 0.63 ? 17 C  A O2     1 
ATOM   471 N N3     . C  A 1 15 ? -4.947  4.744   3.254   1.00 0.69 ? 17 C  A N3     1 
ATOM   472 C C4     . C  A 1 15 ? -4.857  3.696   4.030   1.00 0.72 ? 17 C  A C4     1 
ATOM   473 N N4     . C  A 1 15 ? -5.437  2.594   3.596   1.00 0.81 ? 17 C  A N4     1 
ATOM   474 C C5     . C  A 1 15 ? -4.145  3.774   5.292   1.00 0.71 ? 17 C  A C5     1 
ATOM   475 C C6     . C  A 1 15 ? -3.581  4.964   5.596   1.00 0.66 ? 17 C  A C6     1 
ATOM   476 H "H5'"  . C  A 1 15 ? 0.228   8.153   7.655   1.00 1.47 ? 17 C  A "H5'"  1 
ATOM   477 H "H5''" . C  A 1 15 ? -1.029  9.052   8.375   1.00 1.23 ? 17 C  A "H5''" 1 
ATOM   478 H "H4'"  . C  A 1 15 ? -0.926  8.952   5.749   1.00 0.87 ? 17 C  A "H4'"  1 
ATOM   479 H "H3'"  . C  A 1 15 ? -3.491  8.484   7.232   1.00 0.85 ? 17 C  A "H3'"  1 
ATOM   480 H "H2'"  . C  A 1 15 ? -4.612  8.387   5.148   1.00 0.73 ? 17 C  A "H2'"  1 
ATOM   481 H "HO2'" . C  A 1 15 ? -3.472  9.112   3.251   1.00 0.98 ? 17 C  A "HO2'" 1 
ATOM   482 H "H1'"  . C  A 1 15 ? -2.445  7.337   3.800   1.00 0.60 ? 17 C  A "H1'"  1 
ATOM   483 H H41    . C  A 1 15 ? -5.923  2.593   2.691   1.00 0.84 ? 17 C  A H41    1 
ATOM   484 H H42    . C  A 1 15 ? -5.406  1.787   4.120   1.00 0.85 ? 17 C  A H42    1 
ATOM   485 H H5     . C  A 1 15 ? -4.122  2.980   6.034   1.00 0.75 ? 17 C  A H5     1 
ATOM   486 H H6     . C  A 1 15 ? -3.052  5.094   6.540   1.00 0.68 ? 17 C  A H6     1 
ATOM   487 P P      . U  A 1 16 ? -4.220  11.103  7.135   1.00 1.18 ? 18 U  A P      1 
ATOM   488 O OP1    . U  A 1 16 ? -3.767  12.380  7.745   1.00 1.77 ? 18 U  A OP1    1 
ATOM   489 O OP2    . U  A 1 16 ? -4.995  10.149  7.973   1.00 1.78 ? 18 U  A OP2    1 
ATOM   490 O "O5'"  . U  A 1 16 ? -5.045  11.430  5.792   1.00 1.08 ? 18 U  A "O5'"  1 
ATOM   491 C "C5'"  . U  A 1 16 ? -6.446  11.690  5.762   1.00 1.31 ? 18 U  A "C5'"  1 
ATOM   492 C "C4'"  . U  A 1 16 ? -7.086  10.991  4.544   1.00 1.16 ? 18 U  A "C4'"  1 
ATOM   493 O "O4'"  . U  A 1 16 ? -6.888  9.569   4.467   1.00 1.06 ? 18 U  A "O4'"  1 
ATOM   494 C "C3'"  . U  A 1 16 ? -8.576  11.193  4.398   1.00 1.31 ? 18 U  A "C3'"  1 
ATOM   495 O "O3'"  . U  A 1 16 ? -8.798  12.053  3.279   1.00 1.52 ? 18 U  A "O3'"  1 
ATOM   496 C "C2'"  . U  A 1 16 ? -9.150  9.844   3.992   1.00 1.35 ? 18 U  A "C2'"  1 
ATOM   497 O "O2'"  . U  A 1 16 ? -9.811  9.988   2.728   1.00 1.70 ? 18 U  A "O2'"  1 
ATOM   498 C "C1'"  . U  A 1 16 ? -8.015  9.041   3.717   1.00 1.05 ? 18 U  A "C1'"  1 
ATOM   499 N N1     . U  A 1 16 ? -8.205  7.633   3.915   1.00 1.01 ? 18 U  A N1     1 
ATOM   500 C C2     . U  A 1 16 ? -8.836  6.937   2.889   1.00 1.06 ? 18 U  A C2     1 
ATOM   501 O O2     . U  A 1 16 ? -9.458  7.507   2.000   1.00 1.17 ? 18 U  A O2     1 
ATOM   502 N N3     . U  A 1 16 ? -8.746  5.567   2.936   1.00 1.04 ? 18 U  A N3     1 
ATOM   503 C C4     . U  A 1 16 ? -8.094  4.846   3.909   1.00 1.00 ? 18 U  A C4     1 
ATOM   504 O O4     . U  A 1 16 ? -8.047  3.625   3.853   1.00 1.06 ? 18 U  A O4     1 
ATOM   505 C C5     . U  A 1 16 ? -7.493  5.672   4.948   1.00 0.94 ? 18 U  A C5     1 
ATOM   506 C C6     . U  A 1 16 ? -7.580  7.016   4.909   1.00 0.94 ? 18 U  A C6     1 
ATOM   507 H "H5'"  . U  A 1 16 ? -6.589  12.769  5.644   1.00 1.71 ? 18 U  A "H5'"  1 
ATOM   508 H "H5''" . U  A 1 16 ? -6.896  11.385  6.675   1.00 1.65 ? 18 U  A "H5''" 1 
ATOM   509 H "H4'"  . U  A 1 16 ? -6.623  11.437  3.665   1.00 1.19 ? 18 U  A "H4'"  1 
ATOM   510 H "H3'"  . U  A 1 16 ? -9.047  11.626  5.267   1.00 1.47 ? 18 U  A "H3'"  1 
ATOM   511 H "H2'"  . U  A 1 16 ? -9.738  9.341   4.760   1.00 1.53 ? 18 U  A "H2'"  1 
ATOM   512 H "HO2'" . U  A 1 16 ? -9.206  9.933   2.104   1.00 1.95 ? 18 U  A "HO2'" 1 
ATOM   513 H "H1'"  . U  A 1 16 ? -7.816  9.198   2.642   1.00 1.04 ? 18 U  A "H1'"  1 
ATOM   514 H H3     . U  A 1 16 ? -9.185  5.055   2.200   1.00 1.11 ? 18 U  A H3     1 
ATOM   515 H H5     . U  A 1 16 ? -6.966  5.217   5.770   1.00 0.94 ? 18 U  A H5     1 
ATOM   516 H H6     . U  A 1 16 ? -7.174  7.618   5.721   1.00 0.96 ? 18 U  A H6     1 
ATOM   517 P P      . U  A 1 17 ? -9.100  13.628  3.403   1.00 1.43 ? 19 U  A P      1 
ATOM   518 O OP1    . U  A 1 17 ? -7.905  14.288  3.983   1.00 1.82 ? 19 U  A OP1    1 
ATOM   519 O OP2    . U  A 1 17 ? -10.426 13.832  4.038   1.00 1.68 ? 19 U  A OP2    1 
ATOM   520 O "O5'"  . U  A 1 17 ? -9.262  14.049  1.861   1.00 1.35 ? 19 U  A "O5'"  1 
ATOM   521 C "C5'"  . U  A 1 17 ? -8.154  14.254  0.997   1.00 1.37 ? 19 U  A "C5'"  1 
ATOM   522 C "C4'"  . U  A 1 17 ? -8.585  14.006  -0.480  1.00 1.41 ? 19 U  A "C4'"  1 
ATOM   523 O "O4'"  . U  A 1 17 ? -8.941  12.596  -0.710  1.00 1.39 ? 19 U  A "O4'"  1 
ATOM   524 C "C3'"  . U  A 1 17 ? -9.863  14.763  -0.876  1.00 1.51 ? 19 U  A "C3'"  1 
ATOM   525 O "O3'"  . U  A 1 17 ? -9.766  14.998  -2.291  1.00 1.56 ? 19 U  A "O3'"  1 
ATOM   526 C "C2'"  . U  A 1 17 ? -10.994 13.768  -0.658  1.00 1.51 ? 19 U  A "C2'"  1 
ATOM   527 O "O2'"  . U  A 1 17 ? -12.176 14.097  -1.400  1.00 1.62 ? 19 U  A "O2'"  1 
ATOM   528 C "C1'"  . U  A 1 17 ? -10.322 12.533  -1.196  1.00 1.44 ? 19 U  A "C1'"  1 
ATOM   529 N N1     . U  A 1 17 ? -11.026 11.282  -0.810  1.00 1.42 ? 19 U  A N1     1 
ATOM   530 C C2     . U  A 1 17 ? -11.571 10.529  -1.834  1.00 1.49 ? 19 U  A C2     1 
ATOM   531 O O2     . U  A 1 17 ? -11.499 10.878  -3.011  1.00 1.56 ? 19 U  A O2     1 
ATOM   532 N N3     . U  A 1 17 ? -12.203 9.355   -1.457  1.00 1.50 ? 19 U  A N3     1 
ATOM   533 C C4     . U  A 1 17 ? -12.334 8.876   -0.162  1.00 1.46 ? 19 U  A C4     1 
ATOM   534 O O4     . U  A 1 17 ? -12.917 7.816   0.058   1.00 1.51 ? 19 U  A O4     1 
ATOM   535 C C5     . U  A 1 17 ? -11.733 9.726   0.841   1.00 1.39 ? 19 U  A C5     1 
ATOM   536 C C6     . U  A 1 17 ? -11.116 10.878  0.496   1.00 1.37 ? 19 U  A C6     1 
ATOM   537 H "H5'"  . U  A 1 17 ? -7.351  13.555  1.262   1.00 1.55 ? 19 U  A "H5'"  1 
ATOM   538 H "H5''" . U  A 1 17 ? -7.782  15.285  1.142   1.00 1.49 ? 19 U  A "H5''" 1 
ATOM   539 H "H4'"  . U  A 1 17 ? -7.752  14.276  -1.177  1.00 1.41 ? 19 U  A "H4'"  1 
ATOM   540 H "H3'"  . U  A 1 17 ? -10.021 15.723  -0.379  1.00 1.55 ? 19 U  A "H3'"  1 
ATOM   541 H "H2'"  . U  A 1 17 ? -11.232 13.603  0.413   1.00 1.49 ? 19 U  A "H2'"  1 
ATOM   542 H "HO2'" . U  A 1 17 ? -11.997 14.902  -1.905  1.00 1.95 ? 19 U  A "HO2'" 1 
ATOM   543 H "H1'"  . U  A 1 17 ? -10.312 12.623  -2.283  1.00 1.47 ? 19 U  A "H1'"  1 
ATOM   544 H H3     . U  A 1 17 ? -12.604 8.794   -2.195  1.00 1.56 ? 19 U  A H3     1 
ATOM   545 H H5     . U  A 1 17 ? -11.743 9.433   1.892   1.00 1.37 ? 19 U  A H5     1 
ATOM   546 H H6     . U  A 1 17 ? -10.692 11.490  1.278   1.00 1.34 ? 19 U  A H6     1 
ATOM   547 P P      . A  A 1 18 ? -8.986  16.288  -2.861  1.00 1.67 ? 20 A  A P      1 
ATOM   548 O OP1    . A  A 1 18 ? -9.421  17.470  -2.071  1.00 2.02 ? 20 A  A OP1    1 
ATOM   549 O OP2    . A  A 1 18 ? -9.150  16.339  -4.338  1.00 2.26 ? 20 A  A OP2    1 
ATOM   550 O "O5'"  . A  A 1 18 ? -7.437  16.002  -2.532  1.00 1.51 ? 20 A  A "O5'"  1 
ATOM   551 C "C5'"  . A  A 1 18 ? -6.648  16.983  -1.856  1.00 1.52 ? 20 A  A "C5'"  1 
ATOM   552 C "C4'"  . A  A 1 18 ? -5.301  16.409  -1.440  1.00 1.45 ? 20 A  A "C4'"  1 
ATOM   553 O "O4'"  . A  A 1 18 ? -5.466  15.147  -0.780  1.00 1.35 ? 20 A  A "O4'"  1 
ATOM   554 C "C3'"  . A  A 1 18 ? -4.405  16.177  -2.642  1.00 1.48 ? 20 A  A "C3'"  1 
ATOM   555 O "O3'"  . A  A 1 18 ? -3.636  17.363  -2.827  1.00 1.62 ? 20 A  A "O3'"  1 
ATOM   556 C "C2'"  . A  A 1 18 ? -3.627  14.915  -2.314  1.00 1.48 ? 20 A  A "C2'"  1 
ATOM   557 O "O2'"  . A  A 1 18 ? -2.310  15.233  -1.857  1.00 1.55 ? 20 A  A "O2'"  1 
ATOM   558 C "C1'"  . A  A 1 18 ? -4.432  14.229  -1.212  1.00 1.33 ? 20 A  A "C1'"  1 
ATOM   559 N N9     . A  A 1 18 ? -5.048  12.971  -1.676  1.00 1.34 ? 20 A  A N9     1 
ATOM   560 C C8     . A  A 1 18 ? -5.473  12.610  -2.915  1.00 1.50 ? 20 A  A C8     1 
ATOM   561 N N7     . A  A 1 18 ? -6.056  11.463  -3.033  1.00 1.53 ? 20 A  A N7     1 
ATOM   562 C C5     . A  A 1 18 ? -6.025  10.992  -1.719  1.00 1.37 ? 20 A  A C5     1 
ATOM   563 C C6     . A  A 1 18 ? -6.485  9.812   -1.125  1.00 1.34 ? 20 A  A C6     1 
ATOM   564 N N6     . A  A 1 18 ? -7.107  8.848   -1.799  1.00 1.49 ? 20 A  A N6     1 
ATOM   565 N N1     . A  A 1 18 ? -6.290  9.666   0.196   1.00 1.21 ? 20 A  A N1     1 
ATOM   566 C C2     . A  A 1 18 ? -5.680  10.620  0.898   1.00 1.13 ? 20 A  A C2     1 
ATOM   567 N N3     . A  A 1 18 ? -5.205  11.776  0.442   1.00 1.15 ? 20 A  A N3     1 
ATOM   568 C C4     . A  A 1 18 ? -5.411  11.900  -0.888  1.00 1.26 ? 20 A  A C4     1 
ATOM   569 H "H5'"  . A  A 1 18 ? -7.185  17.306  -0.959  1.00 1.77 ? 20 A  A "H5'"  1 
ATOM   570 H "H5''" . A  A 1 18 ? -6.491  17.844  -2.512  1.00 1.71 ? 20 A  A "H5''" 1 
ATOM   571 H "H4'"  . A  A 1 18 ? -4.803  17.100  -0.746  1.00 1.52 ? 20 A  A "H4'"  1 
ATOM   572 H "H3'"  . A  A 1 18 ? -5.022  15.963  -3.518  1.00 1.63 ? 20 A  A "H3'"  1 
ATOM   573 H "H2'"  . A  A 1 18 ? -3.573  14.266  -3.202  1.00 1.69 ? 20 A  A "H2'"  1 
ATOM   574 H "HO2'" . A  A 1 18 ? -1.853  14.406  -1.677  1.00 1.60 ? 20 A  A "HO2'" 1 
ATOM   575 H "H1'"  . A  A 1 18 ? -3.761  14.016  -0.377  1.00 1.28 ? 20 A  A "H1'"  1 
ATOM   576 H H8     . A  A 1 18 ? -5.331  13.262  -3.777  1.00 1.64 ? 20 A  A H8     1 
ATOM   577 H H61    . A  A 1 18 ? -7.404  7.991   -1.332  1.00 1.83 ? 20 A  A H61    1 
ATOM   578 H H62    . A  A 1 18 ? -7.280  8.934   -2.800  1.00 1.73 ? 20 A  A H62    1 
ATOM   579 H H2     . A  A 1 18 ? -5.544  10.426  1.962   1.00 1.10 ? 20 A  A H2     1 
ATOM   580 P P      . A  A 1 19 ? -2.142  17.597  -3.362  1.00 1.87 ? 21 A  A P      1 
ATOM   581 O OP1    . A  A 1 19 ? -1.683  18.735  -2.514  1.00 2.49 ? 21 A  A OP1    1 
ATOM   582 O OP2    . A  A 1 19 ? -2.176  17.813  -4.836  1.00 2.66 ? 21 A  A OP2    1 
ATOM   583 O "O5'"  . A  A 1 19 ? -1.193  16.349  -3.007  1.00 1.61 ? 21 A  A "O5'"  1 
ATOM   584 C "C5'"  . A  A 1 19 ? 0.161   16.443  -3.440  1.00 1.59 ? 21 A  A "C5'"  1 
ATOM   585 C "C4'"  . A  A 1 19 ? 0.991   15.173  -3.128  1.00 1.33 ? 21 A  A "C4'"  1 
ATOM   586 O "O4'"  . A  A 1 19 ? 0.301   14.238  -2.263  1.00 1.27 ? 21 A  A "O4'"  1 
ATOM   587 C "C3'"  . A  A 1 19 ? 1.445   14.390  -4.376  1.00 1.32 ? 21 A  A "C3'"  1 
ATOM   588 O "O3'"  . A  A 1 19 ? 2.806   14.754  -4.700  1.00 1.38 ? 21 A  A "O3'"  1 
ATOM   589 C "C2'"  . A  A 1 19 ? 1.310   12.938  -3.999  1.00 1.15 ? 21 A  A "C2'"  1 
ATOM   590 O "O2'"  . A  A 1 19 ? 2.597   12.311  -4.010  1.00 1.21 ? 21 A  A "O2'"  1 
ATOM   591 C "C1'"  . A  A 1 19 ? 0.715   12.897  -2.599  1.00 1.03 ? 21 A  A "C1'"  1 
ATOM   592 N N9     . A  A 1 19 ? -0.421  11.933  -2.417  1.00 0.97 ? 21 A  A N9     1 
ATOM   593 C C8     . A  A 1 19 ? -1.274  11.331  -3.293  1.00 1.07 ? 21 A  A C8     1 
ATOM   594 N N7     . A  A 1 19 ? -2.158  10.505  -2.797  1.00 1.04 ? 21 A  A N7     1 
ATOM   595 C C5     . A  A 1 19 ? -1.859  10.547  -1.429  1.00 0.92 ? 21 A  A C5     1 
ATOM   596 C C6     . A  A 1 19 ? -2.403  9.898   -0.283  1.00 0.92 ? 21 A  A C6     1 
ATOM   597 N N6     . A  A 1 19 ? -3.413  8.998   -0.300  1.00 0.96 ? 21 A  A N6     1 
ATOM   598 N N1     . A  A 1 19 ? -1.845  10.193  0.902   1.00 0.99 ? 21 A  A N1     1 
ATOM   599 C C2     . A  A 1 19 ? -0.833  11.053  0.981   1.00 1.04 ? 21 A  A C2     1 
ATOM   600 N N3     . A  A 1 19 ? -0.251  11.709  -0.013  1.00 0.99 ? 21 A  A N3     1 
ATOM   601 C C4     . A  A 1 19 ? -0.811  11.412  -1.197  1.00 0.92 ? 21 A  A C4     1 
ATOM   602 H "H5'"  . A  A 1 19 ? 0.632   17.252  -2.915  1.00 2.11 ? 21 A  A "H5'"  1 
ATOM   603 H "H5''" . A  A 1 19 ? 0.177   16.695  -4.501  1.00 2.08 ? 21 A  A "H5''" 1 
ATOM   604 H "H4'"  . A  A 1 19 ? 1.881   15.499  -2.596  1.00 1.31 ? 21 A  A "H4'"  1 
ATOM   605 H "H3'"  . A  A 1 19 ? 0.804   14.544  -5.256  1.00 1.48 ? 21 A  A "H3'"  1 
ATOM   606 H "H2'"  . A  A 1 19 ? 0.651   12.442  -4.686  1.00 1.14 ? 21 A  A "H2'"  1 
ATOM   607 H "HO2'" . A  A 1 19 ? 3.011   12.489  -3.159  1.00 1.32 ? 21 A  A "HO2'" 1 
ATOM   608 H "H1'"  . A  A 1 19 ? 1.531   12.542  -1.969  1.00 1.07 ? 21 A  A "H1'"  1 
ATOM   609 H H8     . A  A 1 19 ? -1.185  11.478  -4.369  1.00 1.27 ? 21 A  A H8     1 
ATOM   610 H H61    . A  A 1 19 ? -3.720  8.550   0.565   1.00 1.41 ? 21 A  A H61    1 
ATOM   611 H H62    . A  A 1 19 ? -3.875  8.716   -1.162  1.00 1.20 ? 21 A  A H62    1 
ATOM   612 H H2     . A  A 1 19 ? -0.430  11.241  1.969   1.00 1.20 ? 21 A  A H2     1 
ATOM   613 P P      . A  A 1 20 ? 3.987   14.825  -3.586  1.00 1.41 ? 22 A  A P      1 
ATOM   614 O OP1    . A  A 1 20 ? 3.415   15.301  -2.298  1.00 1.89 ? 22 A  A OP1    1 
ATOM   615 O OP2    . A  A 1 20 ? 5.140   15.550  -4.177  1.00 2.09 ? 22 A  A OP2    1 
ATOM   616 O "O5'"  . A  A 1 20 ? 4.388   13.279  -3.437  1.00 1.23 ? 22 A  A "O5'"  1 
ATOM   617 C "C5'"  . A  A 1 20 ? 5.424   12.763  -2.585  1.00 1.19 ? 22 A  A "C5'"  1 
ATOM   618 C "C4'"  . A  A 1 20 ? 5.141   12.943  -1.071  1.00 1.14 ? 22 A  A "C4'"  1 
ATOM   619 O "O4'"  . A  A 1 20 ? 3.831   12.457  -0.719  1.00 1.03 ? 22 A  A "O4'"  1 
ATOM   620 C "C3'"  . A  A 1 20 ? 6.133   12.126  -0.245  1.00 1.13 ? 22 A  A "C3'"  1 
ATOM   621 O "O3'"  . A  A 1 20 ? 7.190   12.923  0.302   1.00 1.31 ? 22 A  A "O3'"  1 
ATOM   622 C "C2'"  . A  A 1 20 ? 5.329   11.480  0.857   1.00 0.99 ? 22 A  A "C2'"  1 
ATOM   623 O "O2'"  . A  A 1 20 ? 5.773   11.936  2.140   1.00 1.08 ? 22 A  A "O2'"  1 
ATOM   624 C "C1'"  . A  A 1 20 ? 3.884   11.885  0.607   1.00 0.96 ? 22 A  A "C1'"  1 
ATOM   625 N N9     . A  A 1 20 ? 2.970   10.737  0.699   1.00 0.88 ? 22 A  A N9     1 
ATOM   626 C C8     . A  A 1 20 ? 2.495   9.946   -0.270  1.00 0.91 ? 22 A  A C8     1 
ATOM   627 N N7     . A  A 1 20 ? 1.736   8.964   0.079   1.00 0.91 ? 22 A  A N7     1 
ATOM   628 C C5     . A  A 1 20 ? 1.697   9.129   1.463   1.00 0.84 ? 22 A  A C5     1 
ATOM   629 C C6     . A  A 1 20 ? 1.057   8.432   2.487   1.00 0.88 ? 22 A  A C6     1 
ATOM   630 N N6     . A  A 1 20 ? 0.347   7.361   2.314   1.00 1.00 ? 22 A  A N6     1 
ATOM   631 N N1     . A  A 1 20 ? 1.211   8.863   3.712   1.00 0.91 ? 22 A  A N1     1 
ATOM   632 C C2     . A  A 1 20 ? 1.946   9.911   3.949   1.00 0.92 ? 22 A  A C2     1 
ATOM   633 N N3     . A  A 1 20 ? 2.614   10.658  3.087   1.00 0.90 ? 22 A  A N3     1 
ATOM   634 C C4     . A  A 1 20 ? 2.439   10.205  1.839   1.00 0.83 ? 22 A  A C4     1 
ATOM   635 H "H5'"  . A  A 1 20 ? 6.392   13.198  -2.847  1.00 1.49 ? 22 A  A "H5'"  1 
ATOM   636 H "H5''" . A  A 1 20 ? 5.479   11.699  -2.805  1.00 1.21 ? 22 A  A "H5''" 1 
ATOM   637 H "H4'"  . A  A 1 20 ? 5.186   14.003  -0.785  1.00 1.21 ? 22 A  A "H4'"  1 
ATOM   638 H "H3'"  . A  A 1 20 ? 6.555   11.343  -0.879  1.00 1.15 ? 22 A  A "H3'"  1 
ATOM   639 H "H2'"  . A  A 1 20 ? 5.429   10.398  0.788   1.00 0.95 ? 22 A  A "H2'"  1 
ATOM   640 H "HO2'" . A  A 1 20 ? 5.328   11.402  2.805   1.00 1.31 ? 22 A  A "HO2'" 1 
ATOM   641 H "H1'"  . A  A 1 20 ? 3.600   12.630  1.363   1.00 1.00 ? 22 A  A "H1'"  1 
ATOM   642 H H8     . A  A 1 20 ? 2.679   10.166  -1.309  1.00 1.00 ? 22 A  A H8     1 
ATOM   643 H H61    . A  A 1 20 ? -0.097  6.896   3.106   1.00 1.41 ? 22 A  A H61    1 
ATOM   644 H H62    . A  A 1 20 ? 0.246   6.943   1.390   1.00 1.31 ? 22 A  A H62    1 
ATOM   645 H H2     . A  A 1 20 ? 1.975   10.202  4.951   1.00 1.03 ? 22 A  A H2     1 
ATOM   646 P P      . A  A 1 21 ? 8.693   12.324  0.376   1.00 1.54 ? 23 A  A P      1 
ATOM   647 O OP1    . A  A 1 21 ? 9.566   13.338  1.021   1.00 2.09 ? 23 A  A OP1    1 
ATOM   648 O OP2    . A  A 1 21 ? 9.062   11.832  -0.975  1.00 1.80 ? 23 A  A OP2    1 
ATOM   649 O "O5'"  . A  A 1 21 ? 8.579   11.048  1.367   1.00 1.42 ? 23 A  A "O5'"  1 
ATOM   650 C "C5'"  . A  A 1 21 ? 8.555   11.252  2.787   1.00 1.34 ? 23 A  A "C5'"  1 
ATOM   651 C "C4'"  . A  A 1 21 ? 8.433   9.951   3.627   1.00 1.31 ? 23 A  A "C4'"  1 
ATOM   652 O "O4'"  . A  A 1 21 ? 7.057   9.531   3.778   1.00 1.27 ? 23 A  A "O4'"  1 
ATOM   653 C "C3'"  . A  A 1 21 ? 9.183   8.684   3.097   1.00 1.27 ? 23 A  A "C3'"  1 
ATOM   654 O "O3'"  . A  A 1 21 ? 10.600  8.747   3.386   1.00 1.37 ? 23 A  A "O3'"  1 
ATOM   655 C "C2'"  . A  A 1 21 ? 8.471   7.591   3.882   1.00 1.27 ? 23 A  A "C2'"  1 
ATOM   656 O "O2'"  . A  A 1 21 ? 8.979   7.609   5.220   1.00 1.36 ? 23 A  A "O2'"  1 
ATOM   657 C "C1'"  . A  A 1 21 ? 7.021   8.075   3.968   1.00 1.21 ? 23 A  A "C1'"  1 
ATOM   658 N N9     . A  A 1 21 ? 6.087   7.406   3.008   1.00 1.10 ? 23 A  A N9     1 
ATOM   659 C C8     . A  A 1 21 ? 5.776   7.684   1.700   1.00 1.11 ? 23 A  A C8     1 
ATOM   660 N N7     . A  A 1 21 ? 4.773   7.033   1.182   1.00 1.00 ? 23 A  A N7     1 
ATOM   661 C C5     . A  A 1 21 ? 4.357   6.231   2.260   1.00 0.92 ? 23 A  A C5     1 
ATOM   662 C C6     . A  A 1 21 ? 3.307   5.288   2.434   1.00 0.84 ? 23 A  A C6     1 
ATOM   663 N N6     . A  A 1 21 ? 2.401   4.979   1.493   1.00 0.80 ? 23 A  A N6     1 
ATOM   664 N N1     . A  A 1 21 ? 3.199   4.701   3.642   1.00 0.89 ? 23 A  A N1     1 
ATOM   665 C C2     . A  A 1 21 ? 4.049   5.007   4.621   1.00 0.98 ? 23 A  A C2     1 
ATOM   666 N N3     . A  A 1 21 ? 5.056   5.866   4.569   1.00 1.03 ? 23 A  A N3     1 
ATOM   667 C C4     . A  A 1 21 ? 5.154   6.449   3.360   1.00 1.00 ? 23 A  A C4     1 
ATOM   668 H "H5'"  . A  A 1 21 ? 7.684   11.871  3.019   1.00 1.55 ? 23 A  A "H5'"  1 
ATOM   669 H "H5''" . A  A 1 21 ? 9.461   11.816  3.098   1.00 1.57 ? 23 A  A "H5''" 1 
ATOM   670 H "H4'"  . A  A 1 21 ? 8.819   10.201  4.632   1.00 1.39 ? 23 A  A "H4'"  1 
ATOM   671 H "H3'"  . A  A 1 21 ? 8.981   8.555   2.019   1.00 1.22 ? 23 A  A "H3'"  1 
ATOM   672 H "H2'"  . A  A 1 21 ? 8.585   6.551   3.468   1.00 1.27 ? 23 A  A "H2'"  1 
ATOM   673 H "HO2'" . A  A 1 21 ? 9.845   7.186   5.220   1.00 1.52 ? 23 A  A "HO2'" 1 
ATOM   674 H "H1'"  . A  A 1 21 ? 6.670   7.871   4.999   1.00 1.22 ? 23 A  A "H1'"  1 
ATOM   675 H H8     . A  A 1 21 ? 6.258   8.509   1.160   1.00 1.27 ? 23 A  A H8     1 
ATOM   676 H H61    . A  A 1 21 ? 1.637   4.347   1.708   1.00 1.12 ? 23 A  A H61    1 
ATOM   677 H H62    . A  A 1 21 ? 2.428   5.408   0.582   1.00 1.08 ? 23 A  A H62    1 
ATOM   678 H H2     . A  A 1 21 ? 3.881   4.530   5.586   1.00 1.04 ? 23 A  A H2     1 
ATOM   679 P P      . A  A 1 22 ? 11.664  7.595   2.992   1.00 1.46 ? 24 A  A P      1 
ATOM   680 O OP1    . A  A 1 22 ? 12.816  7.724   3.924   1.00 2.11 ? 24 A  A OP1    1 
ATOM   681 O OP2    . A  A 1 22 ? 11.941  7.665   1.535   1.00 1.89 ? 24 A  A OP2    1 
ATOM   682 O "O5'"  . A  A 1 22 ? 11.004  6.180   3.347   1.00 1.31 ? 24 A  A "O5'"  1 
ATOM   683 C "C5'"  . A  A 1 22 ? 11.960  5.174   3.722   1.00 1.49 ? 24 A  A "C5'"  1 
ATOM   684 C "C4'"  . A  A 1 22 ? 11.407  3.744   3.824   1.00 1.22 ? 24 A  A "C4'"  1 
ATOM   685 O "O4'"  . A  A 1 22 ? 10.091  3.619   4.398   1.00 1.28 ? 24 A  A "O4'"  1 
ATOM   686 C "C3'"  . A  A 1 22 ? 11.373  3.007   2.466   1.00 1.33 ? 24 A  A "C3'"  1 
ATOM   687 O "O3'"  . A  A 1 22 ? 12.597  2.241   2.433   1.00 1.80 ? 24 A  A "O3'"  1 
ATOM   688 C "C2'"  . A  A 1 22 ? 10.178  2.087   2.535   1.00 1.44 ? 24 A  A "C2'"  1 
ATOM   689 O "O2'"  . A  A 1 22 ? 10.602  0.720   2.504   1.00 1.96 ? 24 A  A "O2'"  1 
ATOM   690 C "C1'"  . A  A 1 22 ? 9.515   2.393   3.879   1.00 1.19 ? 24 A  A "C1'"  1 
ATOM   691 N N9     . A  A 1 22 ? 8.043   2.452   3.748   1.00 1.10 ? 24 A  A N9     1 
ATOM   692 C C8     . A  A 1 22 ? 7.271   2.853   2.702   1.00 1.19 ? 24 A  A C8     1 
ATOM   693 N N7     . A  A 1 22 ? 5.997   2.649   2.793   1.00 1.18 ? 24 A  A N7     1 
ATOM   694 C C5     . A  A 1 22 ? 5.895   2.053   4.052   1.00 1.04 ? 24 A  A C5     1 
ATOM   695 C C6     . A  A 1 22 ? 4.805   1.577   4.790   1.00 1.02 ? 24 A  A C6     1 
ATOM   696 N N6     . A  A 1 22 ? 3.549   1.608   4.344   1.00 1.10 ? 24 A  A N6     1 
ATOM   697 N N1     . A  A 1 22 ? 5.057   1.060   6.005   1.00 0.98 ? 24 A  A N1     1 
ATOM   698 C C2     . A  A 1 22 ? 6.304   1.012   6.476   1.00 0.98 ? 24 A  A C2     1 
ATOM   699 N N3     . A  A 1 22 ? 7.410   1.417   5.858   1.00 1.00 ? 24 A  A N3     1 
ATOM   700 C C4     . A  A 1 22 ? 7.132   1.935   4.643   1.00 1.02 ? 24 A  A C4     1 
ATOM   701 H "H5'"  . A  A 1 22 ? 12.415  5.460   4.676   1.00 1.93 ? 24 A  A "H5'"  1 
ATOM   702 H "H5''" . A  A 1 22 ? 12.758  5.177   2.972   1.00 1.97 ? 24 A  A "H5''" 1 
ATOM   703 H "H4'"  . A  A 1 22 ? 12.097  3.084   4.354   1.00 1.66 ? 24 A  A "H4'"  1 
ATOM   704 H "H3'"  . A  A 1 22 ? 11.295  3.667   1.595   1.00 1.38 ? 24 A  A "H3'"  1 
ATOM   705 H "H2'"  . A  A 1 22 ? 9.482   2.314   1.727   1.00 1.55 ? 24 A  A "H2'"  1 
ATOM   706 H "HO2'" . A  A 1 22 ? 10.000  0.227   1.932   1.00 2.25 ? 24 A  A "HO2'" 1 
ATOM   707 H "H1'"  . A  A 1 22 ? 9.770   1.560   4.538   1.00 1.38 ? 24 A  A "H1'"  1 
ATOM   708 H H8     . A  A 1 22 ? 7.697   3.385   1.851   1.00 1.34 ? 24 A  A H8     1 
ATOM   709 H H61    . A  A 1 22 ? 2.789   1.251   4.916   1.00 1.41 ? 24 A  A H61    1 
ATOM   710 H H62    . A  A 1 22 ? 3.333   1.987   3.425   1.00 1.39 ? 24 A  A H62    1 
ATOM   711 H H2     . A  A 1 22 ? 6.418   0.697   7.511   1.00 1.01 ? 24 A  A H2     1 
ATOM   712 P P      . C  A 1 23 ? 13.871  2.662   1.520   1.00 1.75 ? 25 C  A P      1 
ATOM   713 O OP1    . C  A 1 23 ? 15.105  2.495   2.320   1.00 2.06 ? 25 C  A OP1    1 
ATOM   714 O OP2    . C  A 1 23 ? 13.581  3.959   0.869   1.00 2.20 ? 25 C  A OP2    1 
ATOM   715 O "O5'"  . C  A 1 23 ? 13.860  1.536   0.378   1.00 2.09 ? 25 C  A "O5'"  1 
ATOM   716 C "C5'"  . C  A 1 23 ? 12.876  1.620   -0.639  1.00 2.05 ? 25 C  A "C5'"  1 
ATOM   717 C "C4'"  . C  A 1 23 ? 12.987  0.534   -1.665  1.00 2.24 ? 25 C  A "C4'"  1 
ATOM   718 O "O4'"  . C  A 1 23 ? 14.047  0.784   -2.605  1.00 3.00 ? 25 C  A "O4'"  1 
ATOM   719 C "C3'"  . C  A 1 23 ? 13.283  -0.805  -1.068  1.00 2.12 ? 25 C  A "C3'"  1 
ATOM   720 O "O3'"  . C  A 1 23 ? 12.129  -1.410  -0.507  1.00 1.90 ? 25 C  A "O3'"  1 
ATOM   721 C "C2'"  . C  A 1 23 ? 13.788  -1.540  -2.266  1.00 2.97 ? 25 C  A "C2'"  1 
ATOM   722 O "O2'"  . C  A 1 23 ? 12.697  -2.121  -2.987  1.00 3.51 ? 25 C  A "O2'"  1 
ATOM   723 C "C1'"  . C  A 1 23 ? 14.463  -0.491  -3.131  1.00 3.39 ? 25 C  A "C1'"  1 
ATOM   724 N N1     . C  A 1 23 ? 15.931  -0.645  -3.102  1.00 4.00 ? 25 C  A N1     1 
ATOM   725 C C2     . C  A 1 23 ? 16.529  -1.349  -4.138  1.00 4.75 ? 25 C  A C2     1 
ATOM   726 O O2     . C  A 1 23 ? 15.842  -1.806  -5.049  1.00 4.95 ? 25 C  A O2     1 
ATOM   727 N N3     . C  A 1 23 ? 17.884  -1.505  -4.115  1.00 5.40 ? 25 C  A N3     1 
ATOM   728 C C4     . C  A 1 23 ? 18.618  -0.987  -3.119  1.00 5.42 ? 25 C  A C4     1 
ATOM   729 N N4     . C  A 1 23 ? 19.942  -1.144  -3.126  1.00 6.18 ? 25 C  A N4     1 
ATOM   730 C C5     . C  A 1 23 ? 18.002  -0.259  -2.056  1.00 4.78 ? 25 C  A C5     1 
ATOM   731 C C6     . C  A 1 23 ? 16.665  -0.118  -2.087  1.00 4.04 ? 25 C  A C6     1 
ATOM   732 H "H5'"  . C  A 1 23 ? 13.000  2.545   -1.164  1.00 2.32 ? 25 C  A "H5'"  1 
ATOM   733 H "H5''" . C  A 1 23 ? 11.890  1.592   -0.176  1.00 1.98 ? 25 C  A "H5''" 1 
ATOM   734 H "H4'"  . C  A 1 23 ? 12.056  0.477   -2.226  1.00 2.30 ? 25 C  A "H4'"  1 
ATOM   735 H "H3'"  . C  A 1 23 ? 14.073  -0.720  -0.321  1.00 2.25 ? 25 C  A "H3'"  1 
ATOM   736 H "H2'"  . C  A 1 23 ? 14.491  -2.300  -2.001  1.00 3.32 ? 25 C  A "H2'"  1 
ATOM   737 H "HO2'" . C  A 1 23 ? 12.164  -2.616  -2.361  1.00 3.59 ? 25 C  A "HO2'" 1 
ATOM   738 H "H1'"  . C  A 1 23 ? 14.108  -0.587  -4.157  1.00 3.82 ? 25 C  A "H1'"  1 
ATOM   739 H H41    . C  A 1 23 ? 20.388  -1.659  -3.872  1.00 6.65 ? 25 C  A H41    1 
ATOM   740 H H42    . C  A 1 23 ? 20.499  -0.742  -2.387  1.00 6.42 ? 25 C  A H42    1 
ATOM   741 H H5     . C  A 1 23 ? 18.596  0.202   -1.266  1.00 4.97 ? 25 C  A H5     1 
ATOM   742 H H6     . C  A 1 23 ? 16.162  0.400   -1.282  1.00 3.62 ? 25 C  A H6     1 
ATOM   743 P P      . A  A 1 24 ? 12.080  -2.998  -0.283  1.00 1.84 ? 26 A  A P      1 
ATOM   744 O OP1    . A  A 1 24 ? 13.396  -3.573  -0.636  1.00 2.54 ? 26 A  A OP1    1 
ATOM   745 O OP2    . A  A 1 24 ? 10.856  -3.494  -0.950  1.00 2.35 ? 26 A  A OP2    1 
ATOM   746 O "O5'"  . A  A 1 24 ? 11.874  -3.122  1.308   1.00 1.48 ? 26 A  A "O5'"  1 
ATOM   747 C "C5'"  . A  A 1 24 ? 10.537  -3.258  1.771   1.00 1.18 ? 26 A  A "C5'"  1 
ATOM   748 C "C4'"  . A  A 1 24 ? 10.361  -3.068  3.290   1.00 1.13 ? 26 A  A "C4'"  1 
ATOM   749 O "O4'"  . A  A 1 24 ? 9.852   -1.725  3.612   1.00 1.05 ? 26 A  A "O4'"  1 
ATOM   750 C "C3'"  . A  A 1 24 ? 9.351   -4.066  3.833   1.00 1.13 ? 26 A  A "C3'"  1 
ATOM   751 O "O3'"  . A  A 1 24 ? 10.004  -5.150  4.520   1.00 1.22 ? 26 A  A "O3'"  1 
ATOM   752 C "C2'"  . A  A 1 24 ? 8.458   -3.273  4.765   1.00 1.07 ? 26 A  A "C2'"  1 
ATOM   753 O "O2'"  . A  A 1 24 ? 8.853   -3.468  6.126   1.00 1.11 ? 26 A  A "O2'"  1 
ATOM   754 C "C1'"  . A  A 1 24 ? 8.602   -1.819  4.356   1.00 1.02 ? 26 A  A "C1'"  1 
ATOM   755 N N9     . A  A 1 24 ? 7.412   -1.383  3.542   1.00 0.97 ? 26 A  A N9     1 
ATOM   756 C C8     . A  A 1 24 ? 7.320   -1.012  2.238   1.00 0.98 ? 26 A  A C8     1 
ATOM   757 N N7     . A  A 1 24 ? 6.149   -0.803  1.745   1.00 0.95 ? 26 A  A N7     1 
ATOM   758 C C5     . A  A 1 24 ? 5.330   -1.036  2.851   1.00 0.92 ? 26 A  A C5     1 
ATOM   759 C C6     . A  A 1 24 ? 3.938   -0.983  3.037   1.00 0.91 ? 26 A  A C6     1 
ATOM   760 N N6     . A  A 1 24 ? 3.066   -0.737  2.053   1.00 0.91 ? 26 A  A N6     1 
ATOM   761 N N1     . A  A 1 24 ? 3.470   -1.256  4.270   1.00 0.94 ? 26 A  A N1     1 
ATOM   762 C C2     . A  A 1 24 ? 4.311   -1.569  5.258   1.00 0.97 ? 26 A  A C2     1 
ATOM   763 N N3     . A  A 1 24 ? 5.634   -1.660  5.190   1.00 0.97 ? 26 A  A N3     1 
ATOM   764 C C4     . A  A 1 24 ? 6.087   -1.382  3.951   1.00 0.94 ? 26 A  A C4     1 
ATOM   765 H "H5'"  . A  A 1 24 ? 10.163  -4.242  1.472   1.00 1.55 ? 26 A  A "H5'"  1 
ATOM   766 H "H5''" . A  A 1 24 ? 9.958   -2.514  1.271   1.00 1.50 ? 26 A  A "H5''" 1 
ATOM   767 H "H4'"  . A  A 1 24 ? 11.314  -3.220  3.795   1.00 1.21 ? 26 A  A "H4'"  1 
ATOM   768 H "H3'"  . A  A 1 24 ? 8.763   -4.450  2.998   1.00 1.13 ? 26 A  A "H3'"  1 
ATOM   769 H "H2'"  . A  A 1 24 ? 7.435   -3.566  4.635   1.00 1.06 ? 26 A  A "H2'"  1 
ATOM   770 H "HO2'" . A  A 1 24 ? 8.461   -4.297  6.420   1.00 1.25 ? 26 A  A "HO2'" 1 
ATOM   771 H "H1'"  . A  A 1 24 ? 8.654   -1.194  5.250   1.00 1.01 ? 26 A  A "H1'"  1 
ATOM   772 H H8     . A  A 1 24 ? 8.193   -0.838  1.646   1.00 1.04 ? 26 A  A H8     1 
ATOM   773 H H61    . A  A 1 24 ? 2.064   -0.707  2.244   1.00 1.19 ? 26 A  A H61    1 
ATOM   774 H H62    . A  A 1 24 ? 3.378   -0.598  1.093   1.00 1.32 ? 26 A  A H62    1 
ATOM   775 H H2     . A  A 1 24 ? 3.863   -1.749  6.236   1.00 1.02 ? 26 A  A H2     1 
ATOM   776 P P      . C  A 1 25 ? 9.841   -6.678  4.016   1.00 1.30 ? 27 C  A P      1 
ATOM   777 O OP1    . C  A 1 25 ? 11.055  -7.440  4.405   1.00 1.77 ? 27 C  A OP1    1 
ATOM   778 O OP2    . C  A 1 25 ? 9.459   -6.657  2.581   1.00 1.56 ? 27 C  A OP2    1 
ATOM   779 O "O5'"  . C  A 1 25 ? 8.576   -7.264  4.832   1.00 1.34 ? 27 C  A "O5'"  1 
ATOM   780 C "C5'"  . C  A 1 25 ? 8.562   -7.391  6.262   1.00 1.36 ? 27 C  A "C5'"  1 
ATOM   781 C "C4'"  . C  A 1 25 ? 7.105   -7.486  6.810   1.00 1.30 ? 27 C  A "C4'"  1 
ATOM   782 O "O4'"  . C  A 1 25 ? 6.438   -6.221  6.695   1.00 1.30 ? 27 C  A "O4'"  1 
ATOM   783 C "C3'"  . C  A 1 25 ? 6.149   -8.487  6.182   1.00 1.33 ? 27 C  A "C3'"  1 
ATOM   784 O "O3'"  . C  A 1 25 ? 6.403   -9.828  6.607   1.00 1.45 ? 27 C  A "O3'"  1 
ATOM   785 C "C2'"  . C  A 1 25 ? 4.822   -7.990  6.722   1.00 1.28 ? 27 C  A "C2'"  1 
ATOM   786 O "O2'"  . C  A 1 25 ? 4.573   -8.566  8.010   1.00 1.43 ? 27 C  A "O2'"  1 
ATOM   787 C "C1'"  . C  A 1 25 ? 5.033   -6.467  6.883   1.00 1.21 ? 27 C  A "C1'"  1 
ATOM   788 N N1     . C  A 1 25 ? 4.151   -5.644  5.999   1.00 1.13 ? 27 C  A N1     1 
ATOM   789 C C2     . C  A 1 25 ? 2.882   -5.450  6.506   1.00 1.16 ? 27 C  A C2     1 
ATOM   790 O O2     . C  A 1 25 ? 2.580   -5.935  7.595   1.00 1.42 ? 27 C  A O2     1 
ATOM   791 N N3     . C  A 1 25 ? 2.003   -4.705  5.806   1.00 1.07 ? 27 C  A N3     1 
ATOM   792 C C4     . C  A 1 25 ? 2.330   -4.180  4.627   1.00 1.07 ? 27 C  A C4     1 
ATOM   793 N N4     . C  A 1 25 ? 1.480   -3.382  3.980   1.00 1.09 ? 27 C  A N4     1 
ATOM   794 C C5     . C  A 1 25 ? 3.618   -4.382  4.052   1.00 1.26 ? 27 C  A C5     1 
ATOM   795 C C6     . C  A 1 25 ? 4.525   -5.102  4.768   1.00 1.20 ? 27 C  A C6     1 
ATOM   796 H "H5'"  . C  A 1 25 ? 9.001   -6.486  6.690   1.00 1.52 ? 27 C  A "H5'"  1 
ATOM   797 H "H5''" . C  A 1 25 ? 9.193   -8.255  6.594   1.00 1.72 ? 27 C  A "H5''" 1 
ATOM   798 H "H4'"  . C  A 1 25 ? 7.131   -7.740  7.848   1.00 1.37 ? 27 C  A "H4'"  1 
ATOM   799 H "H3'"  . C  A 1 25 ? 6.158   -8.398  5.103   1.00 1.45 ? 27 C  A "H3'"  1 
ATOM   800 H "H2'"  . C  A 1 25 ? 3.986   -8.246  6.053   1.00 1.35 ? 27 C  A "H2'"  1 
ATOM   801 H "HO2'" . C  A 1 25 ? 4.250   -9.461  7.862   1.00 1.62 ? 27 C  A "HO2'" 1 
ATOM   802 H "H1'"  . C  A 1 25 ? 4.796   -6.215  7.920   1.00 1.29 ? 27 C  A "H1'"  1 
ATOM   803 H H41    . C  A 1 25 ? 0.606   -3.088  4.412   1.00 1.39 ? 27 C  A H41    1 
ATOM   804 H H42    . C  A 1 25 ? 1.753   -2.953  3.095   1.00 1.43 ? 27 C  A H42    1 
ATOM   805 H H5     . C  A 1 25 ? 3.771   -4.114  3.007   1.00 1.56 ? 27 C  A H5     1 
ATOM   806 H H6     . C  A 1 25 ? 5.543   -5.181  4.392   1.00 1.32 ? 27 C  A H6     1 
ATOM   807 P P      . C  A 1 26 ? 5.674   -11.056 5.868   1.00 1.62 ? 28 C  A P      1 
ATOM   808 O OP1    . C  A 1 26 ? 6.209   -12.325 6.422   1.00 2.03 ? 28 C  A OP1    1 
ATOM   809 O OP2    . C  A 1 26 ? 5.764   -10.838 4.401   1.00 2.05 ? 28 C  A OP2    1 
ATOM   810 O "O5'"  . C  A 1 26 ? 4.127   -10.947 6.302   1.00 1.48 ? 28 C  A "O5'"  1 
ATOM   811 C "C5'"  . C  A 1 26 ? 3.526   -12.145 6.795   1.00 1.33 ? 28 C  A "C5'"  1 
ATOM   812 C "C4'"  . C  A 1 26 ? 1.998   -12.132 6.852   1.00 1.38 ? 28 C  A "C4'"  1 
ATOM   813 O "O4'"  . C  A 1 26 ? 1.411   -10.805 6.677   1.00 1.37 ? 28 C  A "O4'"  1 
ATOM   814 C "C3'"  . C  A 1 26 ? 1.438   -13.018 5.755   1.00 1.38 ? 28 C  A "C3'"  1 
ATOM   815 O "O3'"  . C  A 1 26 ? 1.198   -14.362 6.230   1.00 1.44 ? 28 C  A "O3'"  1 
ATOM   816 C "C2'"  . C  A 1 26 ? 0.171   -12.324 5.302   1.00 1.42 ? 28 C  A "C2'"  1 
ATOM   817 O "O2'"  . C  A 1 26 ? -0.969  -12.841 5.994   1.00 1.52 ? 28 C  A "O2'"  1 
ATOM   818 C "C1'"  . C  A 1 26 ? 0.373   -10.848 5.651   1.00 1.38 ? 28 C  A "C1'"  1 
ATOM   819 N N1     . C  A 1 26 ? 0.779   -10.062 4.427   1.00 1.32 ? 28 C  A N1     1 
ATOM   820 C C2     . C  A 1 26 ? -0.264  -9.711  3.523   1.00 1.32 ? 28 C  A C2     1 
ATOM   821 O O2     . C  A 1 26 ? -1.464  -9.999  3.746   1.00 1.39 ? 28 C  A O2     1 
ATOM   822 N N3     . C  A 1 26 ? 0.077   -9.068  2.373   1.00 1.28 ? 28 C  A N3     1 
ATOM   823 C C4     . C  A 1 26 ? 1.330   -8.786  2.080   1.00 1.24 ? 28 C  A C4     1 
ATOM   824 N N4     . C  A 1 26 ? 1.606   -8.157  0.958   1.00 1.21 ? 28 C  A N4     1 
ATOM   825 C C5     . C  A 1 26 ? 2.392   -9.114  2.928   1.00 1.24 ? 28 C  A C5     1 
ATOM   826 C C6     . C  A 1 26 ? 2.134   -9.732  4.115   1.00 1.28 ? 28 C  A C6     1 
ATOM   827 H "H5'"  . C  A 1 26 ? 3.914   -12.348 7.799   1.00 1.71 ? 28 C  A "H5'"  1 
ATOM   828 H "H5''" . C  A 1 26 ? 3.829   -12.968 6.138   1.00 1.58 ? 28 C  A "H5''" 1 
ATOM   829 H "H4'"  . C  A 1 26 ? 1.694   -12.533 7.820   1.00 1.49 ? 28 C  A "H4'"  1 
ATOM   830 H "H3'"  . C  A 1 26 ? 2.149   -13.037 4.934   1.00 1.33 ? 28 C  A "H3'"  1 
ATOM   831 H "H2'"  . C  A 1 26 ? 0.041   -12.436 4.223   1.00 1.42 ? 28 C  A "H2'"  1 
ATOM   832 H "HO2'" . C  A 1 26 ? -1.242  -13.648 5.543   1.00 1.77 ? 28 C  A "HO2'" 1 
ATOM   833 H "H1'"  . C  A 1 26 ? -0.588  -10.430 6.053   1.00 1.41 ? 28 C  A "H1'"  1 
ATOM   834 H H41    . C  A 1 26 ? 0.837   -7.835  0.346   1.00 1.22 ? 28 C  A H41    1 
ATOM   835 H H42    . C  A 1 26 ? 2.552   -7.934  0.726   1.00 1.20 ? 28 C  A H42    1 
ATOM   836 H H5     . C  A 1 26 ? 3.383   -8.943  2.575   1.00 1.24 ? 28 C  A H5     1 
ATOM   837 H H6     . C  A 1 26 ? 2.978   -9.822  4.878   1.00 1.30 ? 28 C  A H6     1 
ATOM   838 P P      . G  A 1 27 ? 1.997   -15.653 5.610   1.00 1.50 ? 29 G  A P      1 
ATOM   839 O OP1    . G  A 1 27 ? 2.091   -16.693 6.663   1.00 1.54 ? 29 G  A OP1    1 
ATOM   840 O OP2    . G  A 1 27 ? 3.254   -15.179 4.977   1.00 2.03 ? 29 G  A OP2    1 
ATOM   841 O "O5'"  . G  A 1 27 ? 1.058   -16.216 4.424   1.00 1.52 ? 29 G  A "O5'"  1 
ATOM   842 C "C5'"  . G  A 1 27 ? -0.336  -16.379 4.628   1.00 1.58 ? 29 G  A "C5'"  1 
ATOM   843 C "C4'"  . G  A 1 27 ? -1.159  -15.850 3.449   1.00 1.60 ? 29 G  A "C4'"  1 
ATOM   844 O "O4'"  . G  A 1 27 ? -0.853  -14.481 3.187   1.00 1.61 ? 29 G  A "O4'"  1 
ATOM   845 C "C3'"  . G  A 1 27 ? -0.983  -16.550 2.110   1.00 1.57 ? 29 G  A "C3'"  1 
ATOM   846 O "O3'"  . G  A 1 27 ? -1.709  -17.799 2.062   1.00 1.58 ? 29 G  A "O3'"  1 
ATOM   847 C "C2'"  . G  A 1 27 ? -1.550  -15.500 1.167   1.00 1.63 ? 29 G  A "C2'"  1 
ATOM   848 O "O2'"  . G  A 1 27 ? -3.001  -15.555 1.206   1.00 1.68 ? 29 G  A "O2'"  1 
ATOM   849 C "C1'"  . G  A 1 27 ? -1.145  -14.197 1.800   1.00 1.60 ? 29 G  A "C1'"  1 
ATOM   850 N N9     . G  A 1 27 ? -0.019  -13.395 1.227   1.00 1.55 ? 29 G  A N9     1 
ATOM   851 C C8     . G  A 1 27 ? 1.202   -13.080 1.725   1.00 1.53 ? 29 G  A C8     1 
ATOM   852 N N7     . G  A 1 27 ? 1.836   -12.086 1.200   1.00 1.48 ? 29 G  A N7     1 
ATOM   853 C C5     . G  A 1 27 ? 0.952   -11.652 0.229   1.00 1.45 ? 29 G  A C5     1 
ATOM   854 C C6     . G  A 1 27 ? 1.098   -10.576 -0.685  1.00 1.39 ? 29 G  A C6     1 
ATOM   855 O O6     . G  A 1 27 ? 2.021   -9.818  -0.788  1.00 1.36 ? 29 G  A O6     1 
ATOM   856 N N1     . G  A 1 27 ? 0.020   -10.435 -1.519  1.00 1.39 ? 29 G  A N1     1 
ATOM   857 C C2     . G  A 1 27 ? -1.112  -11.285 -1.462  1.00 1.45 ? 29 G  A C2     1 
ATOM   858 N N2     . G  A 1 27 ? -2.114  -11.080 -2.316  1.00 1.47 ? 29 G  A N2     1 
ATOM   859 N N3     . G  A 1 27 ? -1.231  -12.300 -0.588  1.00 1.50 ? 29 G  A N3     1 
ATOM   860 C C4     . G  A 1 27 ? -0.163  -12.436 0.228   1.00 1.49 ? 29 G  A C4     1 
ATOM   861 H "H5'"  . G  A 1 27 ? -0.617  -15.773 5.481   1.00 1.59 ? 29 G  A "H5'"  1 
ATOM   862 H "H5''" . G  A 1 27 ? -0.565  -17.448 4.854   1.00 1.63 ? 29 G  A "H5''" 1 
ATOM   863 H "H4'"  . G  A 1 27 ? -2.204  -15.902 3.715   1.00 1.67 ? 29 G  A "H4'"  1 
ATOM   864 H "H3'"  . G  A 1 27 ? 0.076   -16.692 1.868   1.00 1.54 ? 29 G  A "H3'"  1 
ATOM   865 H "H2'"  . G  A 1 27 ? -1.161  -15.603 0.156   1.00 1.67 ? 29 G  A "H2'"  1 
ATOM   866 H "HO2'" . G  A 1 27 ? -3.350  -14.978 0.511   1.00 1.78 ? 29 G  A "HO2'" 1 
ATOM   867 H "H1'"  . G  A 1 27 ? -2.048  -13.531 1.798   1.00 1.58 ? 29 G  A "H1'"  1 
ATOM   868 H H8     . G  A 1 27 ? 1.645   -13.598 2.589   1.00 1.58 ? 29 G  A H8     1 
ATOM   869 H H1     . G  A 1 27 ? 0.109   -9.640  -2.233  1.00 1.36 ? 29 G  A H1     1 
ATOM   870 H H21    . G  A 1 27 ? -2.057  -10.339 -2.996  1.00 1.44 ? 29 G  A H21    1 
ATOM   871 H H22    . G  A 1 27 ? -2.927  -11.677 -2.286  1.00 1.52 ? 29 G  A H22    1 
ATOM   872 P P      . G  A 1 28 ? -1.037  -19.143 1.438   1.00 1.48 ? 30 G  A P      1 
ATOM   873 O OP1    . G  A 1 28 ? -1.721  -20.337 2.001   1.00 1.74 ? 30 G  A OP1    1 
ATOM   874 O OP2    . G  A 1 28 ? 0.441   -19.045 1.580   1.00 2.07 ? 30 G  A OP2    1 
ATOM   875 O "O5'"  . G  A 1 28 ? -1.378  -19.062 -0.125  1.00 1.54 ? 30 G  A "O5'"  1 
ATOM   876 C "C5'"  . G  A 1 28 ? -2.678  -18.659 -0.535  1.00 1.70 ? 30 G  A "C5'"  1 
ATOM   877 C "C4'"  . G  A 1 28 ? -2.646  -17.604 -1.606  1.00 1.74 ? 30 G  A "C4'"  1 
ATOM   878 O "O4'"  . G  A 1 28 ? -1.743  -16.559 -1.273  1.00 1.56 ? 30 G  A "O4'"  1 
ATOM   879 C "C3'"  . G  A 1 28 ? -2.188  -18.120 -2.962  1.00 1.93 ? 30 G  A "C3'"  1 
ATOM   880 O "O3'"  . G  A 1 28 ? -3.293  -18.666 -3.694  1.00 2.40 ? 30 G  A "O3'"  1 
ATOM   881 C "C2'"  . G  A 1 28 ? -1.634  -16.877 -3.633  1.00 1.85 ? 30 G  A "C2'"  1 
ATOM   882 O "O2'"  . G  A 1 28 ? -2.661  -16.267 -4.450  1.00 2.18 ? 30 G  A "O2'"  1 
ATOM   883 C "C1'"  . G  A 1 28 ? -1.363  -15.925 -2.493  1.00 1.56 ? 30 G  A "C1'"  1 
ATOM   884 N N9     . G  A 1 28 ? -0.028  -15.302 -2.343  1.00 1.42 ? 30 G  A N9     1 
ATOM   885 C C8     . G  A 1 28 ? 0.882   -15.310 -1.265  1.00 1.53 ? 30 G  A C8     1 
ATOM   886 N N7     . G  A 1 28 ? 1.792   -14.406 -1.285  1.00 1.70 ? 30 G  A N7     1 
ATOM   887 C C5     . G  A 1 28 ? 1.513   -13.717 -2.439  1.00 1.51 ? 30 G  A C5     1 
ATOM   888 C C6     . G  A 1 28 ? 2.191   -12.612 -2.975  1.00 1.60 ? 30 G  A C6     1 
ATOM   889 O O6     . G  A 1 28 ? 3.153   -12.029 -2.486  1.00 1.94 ? 30 G  A O6     1 
ATOM   890 N N1     . G  A 1 28 ? 1.620   -12.185 -4.168  1.00 1.39 ? 30 G  A N1     1 
ATOM   891 C C2     . G  A 1 28 ? 0.523   -12.756 -4.772  1.00 1.33 ? 30 G  A C2     1 
ATOM   892 N N2     . G  A 1 28 ? 0.121   -12.210 -5.926  1.00 1.41 ? 30 G  A N2     1 
ATOM   893 N N3     . G  A 1 28 ? -0.132  -13.811 -4.268  1.00 1.41 ? 30 G  A N3     1 
ATOM   894 C C4     . G  A 1 28 ? 0.419   -14.241 -3.111  1.00 1.37 ? 30 G  A C4     1 
ATOM   895 H "H5'"  . G  A 1 28 ? -3.190  -18.213 0.312   1.00 1.91 ? 30 G  A "H5'"  1 
ATOM   896 H "H5''" . G  A 1 28 ? -3.237  -19.545 -0.886  1.00 1.96 ? 30 G  A "H5''" 1 
ATOM   897 H "H4'"  . G  A 1 28 ? -3.642  -17.173 -1.709  1.00 1.98 ? 30 G  A "H4'"  1 
ATOM   898 H "H3'"  . G  A 1 28 ? -1.399  -18.867 -2.834  1.00 1.94 ? 30 G  A "H3'"  1 
ATOM   899 H "H2'"  . G  A 1 28 ? -0.735  -17.093 -4.212  1.00 1.93 ? 30 G  A "H2'"  1 
ATOM   900 H "HO2'" . G  A 1 28 ? -2.270  -15.498 -4.891  1.00 2.32 ? 30 G  A "HO2'" 1 
ATOM   901 H "H1'"  . G  A 1 28 ? -2.088  -15.088 -2.659  1.00 1.68 ? 30 G  A "H1'"  1 
ATOM   902 H H8     . G  A 1 28 ? 0.819   -15.960 -0.368  1.00 1.61 ? 30 G  A H8     1 
ATOM   903 H H1     . G  A 1 28 ? 2.072   -11.377 -4.628  1.00 1.43 ? 30 G  A H1     1 
ATOM   904 H H21    . G  A 1 28 ? 0.618   -11.425 -6.325  1.00 1.34 ? 30 G  A H21    1 
ATOM   905 H H22    . G  A 1 28 ? -0.678  -12.599 -6.408  1.00 1.64 ? 30 G  A H22    1 
# 
